data_8C7H
#
_entry.id   8C7H
#
_cell.length_a   1.00
_cell.length_b   1.00
_cell.length_c   1.00
_cell.angle_alpha   90.00
_cell.angle_beta   90.00
_cell.angle_gamma   90.00
#
_symmetry.space_group_name_H-M   'P 1'
#
loop_
_entity.id
_entity.type
_entity.pdbx_description
1 polymer 'Transforming growth factor beta-1'
2 polymer 'Transforming growth factor beta-1'
3 polymer 'Transforming growth factor beta activator LRRC32'
4 polymer '28G11 Fab heavy chain'
5 polymer '28G11 Fab light chain'
6 branched beta-D-mannopyranose-(1-4)-2-acetamido-2-deoxy-beta-D-glucopyranose-(1-4)-2-acetamido-2-deoxy-beta-D-glucopyranose
#
loop_
_entity_poly.entity_id
_entity_poly.type
_entity_poly.pdbx_seq_one_letter_code
_entity_poly.pdbx_strand_id
1 'polypeptide(L)'
;LSTCKTIDMELVKRKRIEAIRGQILSKLRLASPPSQGEVPPGPLPEAVLALYNSTRDRVAGESAEPEPEPEADYYAKEVT
RVLMVETHNEIYDKFKQSTHSIYMFFNTSELREAVPEPVLLSRAELRLLRLKLKVEQHVELYQKYSNNSWRYLSNRLLAP
SDSPEWLSFDVTGVVRQWLSRGGEIEGFRLSAHCSCDSRDNTLQVDINGFTTGRRGDLATIHGMNRPFLLLMATPLERAQ
HLQSSRHRR
;
A,C
2 'polypeptide(L)'
;ALDTNYCFSSTEKNCCVRQLYIDFRKDLGWKWIHEPKGYHANFCLGPCPYIWSLDTQYSKVLALYNQHNPGASAAPCCVP
QALEPLPIVYYVGRKPKVEQLSNMIVRSCKCS
;
B,D
3 'polypeptide(L)'
;HQDKVPCKMVDKKVSCQVLGLLQVPSVLPPDTETLDLSGNQLRSILASPLGFYTALRHLDLSTNEISFLQPGAFQALTHL
EHLSLAHNRLAMATALSAGGLGPLPRVTSLDLSGNSLYSGLLERLLGEAPSLHTLSLAENSLTRLTRHTFRDMPALEQLD
LHSNVLMDIEDGAFEGLPRLTHLNLSRNSLTCISDFSLQQLRVLDLSCNSIEAFQTASQPQAEFQLTWLDLRENKLLHFP
DLAALPRLIYLNLSNNLIRLPTGPPQDSKGIHAPSEGWSALPLSAPSGNASGRPLSQLLNLDLSYNEIELIPDSFLEHLT
SLCFLNLSRNCLRTFEARRLGSLPCLMLLDLSHNALETLELGARALGSLRTLLLQGNALRDLPPYTFANLASLQRLNLQG
NRVSPCGGPDEPGPSGCVAFSGITSLRSLSLVDNEIELLRAGAFLHTPLTELDLSSNPGLEVATGALGGLEASLEVLALQ
GNGLMVLQVDLPCFICLKRLNLAENRLSHLPAWTQAVSLEVLDLRNNSFSLLPGSAMGGLETSLRRLYLQGNPLSCCGNG
WLAAQLHQGRVDVDATQDLICRFSSQEEVSLSHVRPEDCEK
;
I
4 'polypeptide(L)'
;EVQLVQPGAELRNSGASVKVSCKASGYRFTSYYIDWVRQAPGQGLEWMGRIDPEDGGTKYAQKFQGRVTFTADTSTSTAY
VELSSLRSEDTAVYYCARNEWETVVVGDLMYEYEYWGQGTQVTVSSASTKGPSVFPLAPSSKSTSGGTAALGCLVKDYFP
EPVTVSWNSGALTSGVHTFPAVLQSSGLYSLSSVVTVPSSSLGTQTYICNVNHKPSNTKVDKRVEPK
;
L
5 'polypeptide(L)'
;DIQMTQSPSSLSASLGDRVTITCQASQSISSYLAWYQQKPGQAPNILIYGASRLKTGVPSRFSGSGSGTSFTLTISGLEA
EDAGTYYCQQYASVPVTFGQGTKVELKRTVAAPSVFIFPPSDEQLKSGTASVVCLLNNFYPREAKVQWKVDNALQSGNSQ
ESVTEQDSKDSTYSLSSTLTLSKADYEKHKVYACEVTHQGLSSPVTKSFNRGEC
;
K
#
# COMPACT_ATOMS: atom_id res chain seq x y z
N LEU A 1 -10.48 13.92 9.86
CA LEU A 1 -10.08 13.21 8.65
C LEU A 1 -9.52 11.83 8.98
N SER A 2 -10.29 10.80 8.67
CA SER A 2 -9.86 9.43 8.89
C SER A 2 -10.25 8.59 7.69
N THR A 3 -9.48 7.54 7.44
CA THR A 3 -9.76 6.63 6.34
C THR A 3 -10.84 5.63 6.73
N CYS A 4 -10.99 4.60 5.91
CA CYS A 4 -12.20 3.80 5.84
C CYS A 4 -11.96 2.41 6.40
N LYS A 5 -12.98 1.87 7.06
CA LYS A 5 -12.89 0.55 7.67
C LYS A 5 -14.24 -0.14 7.58
N THR A 6 -14.23 -1.46 7.85
CA THR A 6 -15.44 -2.28 7.95
C THR A 6 -16.25 -2.26 6.65
N ILE A 7 -15.64 -2.80 5.59
CA ILE A 7 -16.35 -2.98 4.34
C ILE A 7 -17.46 -4.01 4.52
N ASP A 8 -18.66 -3.66 4.09
CA ASP A 8 -19.83 -4.50 4.32
C ASP A 8 -19.77 -5.77 3.48
N MET A 9 -20.38 -6.83 3.99
CA MET A 9 -20.42 -8.14 3.35
C MET A 9 -21.82 -8.61 3.01
N GLU A 10 -22.79 -8.38 3.89
CA GLU A 10 -24.14 -8.92 3.66
C GLU A 10 -24.80 -8.26 2.45
N LEU A 11 -24.76 -6.93 2.38
CA LEU A 11 -25.40 -6.23 1.28
C LEU A 11 -24.74 -6.59 -0.06
N VAL A 12 -23.42 -6.76 -0.05
CA VAL A 12 -22.69 -7.04 -1.29
C VAL A 12 -23.10 -8.39 -1.86
N LYS A 13 -23.18 -9.42 -1.00
CA LYS A 13 -23.47 -10.77 -1.48
C LYS A 13 -24.86 -10.86 -2.11
N ARG A 14 -25.85 -10.19 -1.52
CA ARG A 14 -27.20 -10.23 -2.07
C ARG A 14 -27.23 -9.66 -3.48
N LYS A 15 -26.47 -8.59 -3.72
CA LYS A 15 -26.37 -8.03 -5.07
C LYS A 15 -25.75 -9.03 -6.03
N ARG A 16 -24.70 -9.73 -5.60
CA ARG A 16 -24.04 -10.71 -6.46
C ARG A 16 -24.96 -11.85 -6.85
N ILE A 17 -25.76 -12.35 -5.89
CA ILE A 17 -26.71 -13.41 -6.19
C ILE A 17 -27.71 -12.94 -7.25
N GLU A 18 -28.17 -11.70 -7.15
CA GLU A 18 -29.01 -11.13 -8.18
C GLU A 18 -28.30 -11.12 -9.53
N ALA A 19 -27.02 -10.75 -9.54
CA ALA A 19 -26.25 -10.78 -10.78
C ALA A 19 -26.06 -12.21 -11.29
N ILE A 20 -25.81 -13.16 -10.40
CA ILE A 20 -25.64 -14.55 -10.82
C ILE A 20 -26.94 -15.09 -11.40
N ARG A 21 -28.07 -14.57 -10.92
CA ARG A 21 -29.38 -14.94 -11.44
C ARG A 21 -29.53 -14.59 -12.92
N ALA A 50 -24.52 -40.42 -16.40
CA ALA A 50 -23.17 -40.58 -16.92
C ALA A 50 -22.73 -39.33 -17.68
N LEU A 51 -23.68 -38.69 -18.35
CA LEU A 51 -23.38 -37.46 -19.07
C LEU A 51 -22.95 -36.35 -18.10
N TYR A 52 -23.60 -36.28 -16.95
CA TYR A 52 -23.19 -35.31 -15.93
C TYR A 52 -21.92 -35.77 -15.23
N ASN A 53 -21.73 -37.08 -15.07
CA ASN A 53 -20.56 -37.59 -14.36
C ASN A 53 -19.29 -37.48 -15.20
N SER A 54 -19.42 -37.56 -16.53
CA SER A 54 -18.24 -37.44 -17.39
C SER A 54 -17.65 -36.04 -17.32
N THR A 55 -18.42 -35.07 -16.81
CA THR A 55 -17.94 -33.71 -16.67
C THR A 55 -17.21 -33.53 -15.34
N ASP A 73 -17.23 -19.54 -25.87
CA ASP A 73 -18.11 -18.40 -26.08
C ASP A 73 -18.89 -18.09 -24.82
N TYR A 74 -19.40 -16.86 -24.72
CA TYR A 74 -20.18 -16.46 -23.55
C TYR A 74 -21.44 -17.28 -23.43
N TYR A 75 -22.14 -17.50 -24.53
CA TYR A 75 -23.37 -18.27 -24.51
C TYR A 75 -23.06 -19.74 -24.23
N ALA A 76 -23.98 -20.39 -23.50
CA ALA A 76 -23.77 -21.75 -23.04
C ALA A 76 -23.71 -22.73 -24.20
N LYS A 77 -22.97 -23.82 -23.98
CA LYS A 77 -22.78 -24.86 -24.98
C LYS A 77 -23.33 -26.18 -24.45
N GLU A 78 -23.88 -26.98 -25.36
CA GLU A 78 -24.51 -28.25 -24.99
C GLU A 78 -23.44 -29.27 -24.59
N VAL A 79 -23.89 -30.33 -23.94
CA VAL A 79 -23.03 -31.43 -23.50
C VAL A 79 -23.65 -32.74 -23.97
N THR A 80 -22.91 -33.48 -24.79
CA THR A 80 -23.33 -34.78 -25.29
C THR A 80 -22.10 -35.68 -25.39
N ARG A 81 -22.34 -36.99 -25.45
CA ARG A 81 -21.27 -37.96 -25.52
C ARG A 81 -21.50 -38.93 -26.68
N VAL A 82 -20.41 -39.32 -27.33
CA VAL A 82 -20.46 -40.27 -28.44
C VAL A 82 -19.36 -41.30 -28.23
N LEU A 83 -19.75 -42.57 -28.23
CA LEU A 83 -18.77 -43.66 -28.10
C LEU A 83 -18.90 -44.64 -29.27
N ALA B 1 -10.95 -9.16 -26.59
CA ALA B 1 -10.38 -9.84 -27.75
C ALA B 1 -10.32 -8.92 -28.96
N LEU B 2 -9.88 -7.69 -28.74
CA LEU B 2 -9.77 -6.67 -29.78
C LEU B 2 -8.31 -6.19 -29.82
N ASP B 3 -7.53 -6.78 -30.73
CA ASP B 3 -6.11 -6.48 -30.82
C ASP B 3 -5.88 -5.19 -31.60
N THR B 4 -4.60 -4.85 -31.77
CA THR B 4 -4.24 -3.62 -32.48
C THR B 4 -4.56 -3.72 -33.97
N ASN B 5 -4.52 -4.93 -34.53
CA ASN B 5 -4.77 -5.09 -35.96
C ASN B 5 -6.19 -4.72 -36.35
N TYR B 6 -7.11 -4.65 -35.40
CA TYR B 6 -8.50 -4.32 -35.68
C TYR B 6 -8.84 -2.87 -35.32
N CYS B 7 -8.62 -2.47 -34.07
CA CYS B 7 -9.10 -1.19 -33.59
C CYS B 7 -8.29 -0.01 -34.11
N PHE B 8 -7.03 -0.22 -34.48
CA PHE B 8 -6.21 0.88 -34.98
C PHE B 8 -6.75 1.37 -36.32
N SER B 9 -6.78 2.69 -36.48
CA SER B 9 -7.30 3.34 -37.69
C SER B 9 -8.74 2.89 -37.98
N SER B 10 -9.53 2.76 -36.92
CA SER B 10 -10.93 2.36 -37.04
C SER B 10 -11.78 3.23 -36.12
N THR B 11 -13.04 3.39 -36.48
CA THR B 11 -13.99 4.20 -35.70
C THR B 11 -14.84 3.26 -34.85
N GLU B 12 -14.45 3.07 -33.59
CA GLU B 12 -15.17 2.21 -32.67
C GLU B 12 -15.38 2.95 -31.35
N LYS B 13 -16.62 2.94 -30.87
CA LYS B 13 -16.94 3.53 -29.58
C LYS B 13 -16.77 2.55 -28.42
N ASN B 14 -16.74 1.25 -28.71
CA ASN B 14 -16.55 0.24 -27.68
C ASN B 14 -15.05 0.08 -27.37
N CYS B 15 -14.77 -0.66 -26.31
CA CYS B 15 -13.41 -0.70 -25.78
C CYS B 15 -12.46 -1.47 -26.70
N CYS B 16 -11.34 -0.85 -27.01
CA CYS B 16 -10.27 -1.48 -27.77
C CYS B 16 -8.96 -0.81 -27.40
N VAL B 17 -7.85 -1.42 -27.82
CA VAL B 17 -6.53 -0.89 -27.52
C VAL B 17 -6.29 0.38 -28.33
N ARG B 18 -5.82 1.43 -27.65
CA ARG B 18 -5.57 2.73 -28.25
C ARG B 18 -4.08 2.96 -28.43
N GLN B 19 -3.75 3.92 -29.29
CA GLN B 19 -2.35 4.24 -29.58
C GLN B 19 -1.76 5.16 -28.51
N LEU B 20 -0.46 4.97 -28.25
CA LEU B 20 0.30 5.85 -27.37
C LEU B 20 1.78 5.57 -27.57
N TYR B 21 2.59 6.62 -27.53
CA TYR B 21 4.03 6.52 -27.69
C TYR B 21 4.75 7.04 -26.45
N ILE B 22 5.71 6.26 -25.97
CA ILE B 22 6.59 6.62 -24.87
C ILE B 22 7.92 7.06 -25.47
N ASP B 23 8.38 8.25 -25.11
CA ASP B 23 9.71 8.71 -25.48
C ASP B 23 10.42 9.12 -24.19
N PHE B 24 11.47 8.39 -23.83
CA PHE B 24 12.11 8.59 -22.53
C PHE B 24 12.72 9.98 -22.40
N ARG B 25 13.08 10.61 -23.52
CA ARG B 25 13.77 11.89 -23.45
C ARG B 25 12.82 13.04 -23.11
N LYS B 26 11.58 12.97 -23.59
CA LYS B 26 10.66 14.10 -23.48
C LYS B 26 9.56 13.86 -22.45
N ASP B 27 8.89 12.71 -22.49
CA ASP B 27 7.84 12.44 -21.51
C ASP B 27 8.43 12.19 -20.12
N LEU B 28 9.29 11.19 -19.99
CA LEU B 28 9.87 10.85 -18.69
C LEU B 28 11.07 11.71 -18.34
N GLY B 29 11.63 12.45 -19.29
CA GLY B 29 12.77 13.31 -18.99
C GLY B 29 13.98 12.56 -18.49
N TRP B 30 14.27 11.40 -19.05
CA TRP B 30 15.35 10.54 -18.60
C TRP B 30 16.44 10.46 -19.65
N LYS B 31 17.69 10.43 -19.18
CA LYS B 31 18.84 10.25 -20.05
C LYS B 31 19.61 8.97 -19.74
N TRP B 32 19.16 8.16 -18.79
CA TRP B 32 19.90 6.98 -18.36
C TRP B 32 19.46 5.71 -19.07
N ILE B 33 18.49 5.77 -19.96
CA ILE B 33 18.08 4.62 -20.77
C ILE B 33 18.70 4.81 -22.14
N HIS B 34 19.79 4.08 -22.40
CA HIS B 34 20.51 4.25 -23.65
C HIS B 34 19.70 3.73 -24.83
N GLU B 35 19.16 2.53 -24.72
CA GLU B 35 18.34 1.97 -25.78
C GLU B 35 17.08 1.33 -25.20
N PRO B 36 15.94 1.51 -25.85
CA PRO B 36 15.70 2.29 -27.07
C PRO B 36 15.33 3.72 -26.76
N LYS B 37 15.03 4.54 -27.76
CA LYS B 37 14.54 5.88 -27.51
C LYS B 37 13.10 5.89 -27.02
N GLY B 38 12.40 4.77 -27.13
CA GLY B 38 11.02 4.69 -26.68
C GLY B 38 10.38 3.41 -27.16
N TYR B 39 9.10 3.28 -26.85
CA TYR B 39 8.34 2.10 -27.23
C TYR B 39 6.86 2.43 -27.26
N HIS B 40 6.11 1.58 -27.95
CA HIS B 40 4.67 1.77 -28.12
C HIS B 40 3.96 1.10 -26.93
N ALA B 41 3.48 1.91 -26.00
CA ALA B 41 2.92 1.36 -24.77
C ALA B 41 1.43 1.03 -24.91
N ASN B 42 0.65 1.95 -25.50
CA ASN B 42 -0.78 1.77 -25.71
C ASN B 42 -1.54 1.74 -24.39
N PHE B 43 -2.87 1.74 -24.46
CA PHE B 43 -3.70 1.65 -23.27
C PHE B 43 -5.12 1.27 -23.69
N CYS B 44 -5.85 0.65 -22.76
CA CYS B 44 -7.21 0.21 -23.01
C CYS B 44 -8.20 1.27 -22.53
N LEU B 45 -9.14 1.63 -23.40
CA LEU B 45 -10.18 2.57 -23.04
C LEU B 45 -11.44 2.24 -23.83
N GLY B 46 -12.59 2.50 -23.22
CA GLY B 46 -13.86 2.26 -23.85
C GLY B 46 -14.85 1.58 -22.92
N PRO B 47 -16.13 1.95 -23.04
CA PRO B 47 -17.14 1.37 -22.15
C PRO B 47 -17.37 -0.10 -22.46
N CYS B 48 -17.68 -0.87 -21.40
CA CYS B 48 -18.02 -2.27 -21.49
C CYS B 48 -19.37 -2.47 -20.82
N PRO B 49 -20.45 -2.46 -21.59
CA PRO B 49 -21.78 -2.53 -21.00
C PRO B 49 -22.14 -3.96 -20.58
N TYR B 50 -23.17 -4.04 -19.73
CA TYR B 50 -23.71 -5.34 -19.36
C TYR B 50 -24.31 -6.03 -20.58
N ILE B 51 -24.17 -7.35 -20.61
CA ILE B 51 -24.62 -8.13 -21.76
C ILE B 51 -26.14 -8.13 -21.83
N ALA B 75 -19.08 -2.92 -10.80
CA ALA B 75 -19.25 -2.31 -12.12
C ALA B 75 -18.22 -2.87 -13.10
N PRO B 76 -18.63 -3.08 -14.35
CA PRO B 76 -17.72 -3.63 -15.36
C PRO B 76 -16.55 -2.70 -15.63
N CYS B 77 -15.39 -3.30 -15.94
CA CYS B 77 -14.18 -2.58 -16.30
C CYS B 77 -13.59 -3.23 -17.54
N CYS B 78 -12.83 -2.45 -18.30
CA CYS B 78 -12.13 -2.94 -19.48
C CYS B 78 -10.64 -3.04 -19.15
N VAL B 79 -10.08 -4.24 -19.27
CA VAL B 79 -8.70 -4.49 -18.85
C VAL B 79 -7.95 -5.16 -19.98
N PRO B 80 -6.62 -5.01 -20.05
CA PRO B 80 -5.86 -5.68 -21.10
C PRO B 80 -5.88 -7.19 -20.94
N GLN B 81 -5.71 -7.88 -22.07
CA GLN B 81 -5.65 -9.33 -22.11
C GLN B 81 -4.34 -9.87 -22.65
N ALA B 82 -3.77 -9.22 -23.67
CA ALA B 82 -2.49 -9.61 -24.23
C ALA B 82 -1.47 -8.53 -23.95
N LEU B 83 -0.30 -8.94 -23.44
CA LEU B 83 0.74 -8.00 -23.03
C LEU B 83 2.09 -8.52 -23.49
N GLU B 84 3.04 -7.60 -23.65
CA GLU B 84 4.32 -7.92 -24.25
C GLU B 84 5.47 -7.38 -23.39
N PRO B 85 6.62 -8.04 -23.43
CA PRO B 85 7.79 -7.54 -22.68
C PRO B 85 8.44 -6.36 -23.39
N LEU B 86 9.51 -5.85 -22.78
CA LEU B 86 10.25 -4.73 -23.33
C LEU B 86 11.68 -4.78 -22.81
N PRO B 87 12.62 -5.29 -23.60
CA PRO B 87 14.02 -5.28 -23.18
C PRO B 87 14.62 -3.89 -23.30
N ILE B 88 15.54 -3.58 -22.36
CA ILE B 88 16.23 -2.30 -22.33
C ILE B 88 17.70 -2.52 -22.05
N VAL B 89 18.50 -1.50 -22.36
CA VAL B 89 19.91 -1.44 -22.02
C VAL B 89 20.16 -0.13 -21.27
N TYR B 90 20.85 -0.22 -20.13
CA TYR B 90 21.14 0.96 -19.34
C TYR B 90 22.44 0.76 -18.58
N TYR B 91 22.91 1.82 -17.95
CA TYR B 91 24.20 1.84 -17.27
C TYR B 91 24.01 1.90 -15.77
N VAL B 92 24.71 1.02 -15.06
CA VAL B 92 24.85 1.10 -13.61
C VAL B 92 26.35 1.14 -13.31
N GLY B 93 26.81 2.24 -12.74
CA GLY B 93 28.23 2.46 -12.57
C GLY B 93 28.94 2.57 -13.91
N ARG B 94 29.91 1.69 -14.14
CA ARG B 94 30.64 1.67 -15.41
C ARG B 94 30.44 0.39 -16.20
N LYS B 95 29.73 -0.60 -15.67
CA LYS B 95 29.51 -1.85 -16.38
C LYS B 95 28.16 -1.81 -17.09
N PRO B 96 28.09 -2.08 -18.39
CA PRO B 96 26.80 -2.13 -19.07
C PRO B 96 26.04 -3.39 -18.73
N LYS B 97 24.72 -3.33 -18.92
CA LYS B 97 23.85 -4.44 -18.57
C LYS B 97 22.65 -4.44 -19.50
N VAL B 98 22.02 -5.60 -19.63
CA VAL B 98 20.79 -5.77 -20.39
C VAL B 98 19.77 -6.47 -19.51
N GLU B 99 18.58 -5.87 -19.40
CA GLU B 99 17.52 -6.40 -18.56
C GLU B 99 16.21 -6.37 -19.33
N GLN B 100 15.27 -7.23 -18.91
CA GLN B 100 14.02 -7.43 -19.63
C GLN B 100 12.84 -7.23 -18.68
N LEU B 101 12.05 -6.21 -18.93
CA LEU B 101 10.82 -5.95 -18.20
C LEU B 101 9.67 -6.73 -18.82
N SER B 102 8.55 -6.80 -18.10
CA SER B 102 7.41 -7.61 -18.51
C SER B 102 6.12 -6.85 -18.30
N ASN B 103 5.08 -7.28 -19.03
CA ASN B 103 3.74 -6.70 -18.94
C ASN B 103 3.77 -5.19 -19.22
N MET B 104 4.28 -4.86 -20.40
CA MET B 104 4.56 -3.47 -20.76
C MET B 104 3.65 -2.93 -21.86
N ILE B 105 3.53 -3.64 -22.97
CA ILE B 105 2.78 -3.17 -24.14
C ILE B 105 1.39 -3.78 -24.11
N VAL B 106 0.36 -2.93 -24.16
CA VAL B 106 -1.01 -3.40 -24.24
C VAL B 106 -1.31 -3.81 -25.68
N ARG B 107 -1.84 -5.02 -25.86
CA ARG B 107 -2.09 -5.56 -27.20
C ARG B 107 -3.56 -5.77 -27.50
N SER B 108 -4.38 -6.12 -26.50
CA SER B 108 -5.80 -6.31 -26.70
C SER B 108 -6.53 -6.05 -25.39
N CYS B 109 -7.84 -5.82 -25.49
CA CYS B 109 -8.65 -5.49 -24.33
C CYS B 109 -9.86 -6.40 -24.26
N LYS B 110 -10.35 -6.60 -23.05
CA LYS B 110 -11.52 -7.44 -22.80
C LYS B 110 -12.48 -6.71 -21.86
N CYS B 111 -13.72 -7.17 -21.83
CA CYS B 111 -14.72 -6.66 -20.91
C CYS B 111 -14.76 -7.53 -19.67
N SER B 112 -14.82 -6.90 -18.51
CA SER B 112 -14.89 -7.62 -17.24
C SER B 112 -16.23 -7.36 -16.55
N THR C 3 -22.29 4.94 -19.80
CA THR C 3 -22.16 4.56 -21.20
C THR C 3 -22.05 5.78 -22.09
N CYS C 4 -22.61 6.90 -21.64
CA CYS C 4 -22.58 8.14 -22.41
C CYS C 4 -21.17 8.72 -22.45
N LYS C 5 -20.85 9.34 -23.58
CA LYS C 5 -19.51 9.86 -23.86
C LYS C 5 -19.22 11.06 -22.97
N THR C 6 -18.42 10.84 -21.92
CA THR C 6 -18.05 11.92 -21.02
C THR C 6 -16.60 11.85 -20.54
N ILE C 7 -15.77 10.99 -21.13
CA ILE C 7 -14.41 10.75 -20.66
C ILE C 7 -13.42 11.23 -21.71
N ASP C 8 -12.44 12.02 -21.28
CA ASP C 8 -11.43 12.59 -22.16
C ASP C 8 -10.13 11.78 -22.06
N MET C 9 -9.37 11.78 -23.16
CA MET C 9 -8.15 10.99 -23.24
C MET C 9 -6.91 11.75 -22.78
N GLU C 10 -7.01 13.05 -22.52
CA GLU C 10 -5.86 13.81 -22.05
C GLU C 10 -5.41 13.33 -20.69
N LEU C 11 -6.34 13.26 -19.73
CA LEU C 11 -5.99 12.80 -18.39
C LEU C 11 -5.58 11.34 -18.39
N VAL C 12 -6.23 10.53 -19.22
CA VAL C 12 -5.87 9.12 -19.31
C VAL C 12 -4.44 8.98 -19.80
N LYS C 13 -4.06 9.75 -20.83
CA LYS C 13 -2.69 9.72 -21.31
C LYS C 13 -1.71 10.14 -20.22
N ARG C 14 -2.02 11.23 -19.51
CA ARG C 14 -1.09 11.73 -18.50
C ARG C 14 -0.92 10.72 -17.35
N LYS C 15 -2.03 10.16 -16.88
CA LYS C 15 -1.97 9.21 -15.77
C LYS C 15 -1.25 7.93 -16.18
N ARG C 16 -1.51 7.45 -17.40
CA ARG C 16 -0.78 6.29 -17.90
C ARG C 16 0.72 6.60 -18.01
N ILE C 17 1.06 7.82 -18.41
CA ILE C 17 2.47 8.21 -18.51
C ILE C 17 3.15 8.14 -17.15
N GLU C 18 2.53 8.75 -16.14
CA GLU C 18 3.13 8.77 -14.81
C GLU C 18 3.21 7.36 -14.23
N ALA C 19 2.17 6.56 -14.45
CA ALA C 19 2.19 5.17 -13.98
C ALA C 19 3.30 4.39 -14.66
N ILE C 20 3.57 4.66 -15.95
CA ILE C 20 4.68 4.01 -16.64
C ILE C 20 6.00 4.38 -15.99
N ARG C 21 6.18 5.67 -15.66
CA ARG C 21 7.40 6.07 -14.95
C ARG C 21 7.57 5.27 -13.66
N GLY C 22 6.52 5.26 -12.83
CA GLY C 22 6.58 4.51 -11.58
C GLY C 22 6.83 3.03 -11.79
N GLN C 23 6.26 2.46 -12.84
CA GLN C 23 6.41 1.03 -13.10
C GLN C 23 7.84 0.67 -13.49
N ILE C 24 8.46 1.45 -14.37
CA ILE C 24 9.86 1.16 -14.70
C ILE C 24 10.74 1.35 -13.48
N LEU C 25 10.47 2.38 -12.66
CA LEU C 25 11.29 2.55 -11.47
C LEU C 25 11.14 1.39 -10.49
N SER C 26 9.91 0.88 -10.32
CA SER C 26 9.68 -0.19 -9.36
C SER C 26 10.22 -1.53 -9.85
N LYS C 27 10.00 -1.86 -11.13
CA LYS C 27 10.41 -3.16 -11.65
C LYS C 27 11.92 -3.35 -11.64
N LEU C 28 12.68 -2.26 -11.51
CA LEU C 28 14.14 -2.33 -11.48
C LEU C 28 14.72 -2.12 -10.08
N ARG C 29 13.87 -1.81 -9.09
CA ARG C 29 14.30 -1.59 -7.71
C ARG C 29 15.37 -0.52 -7.63
N LEU C 30 15.12 0.61 -8.28
CA LEU C 30 15.98 1.79 -8.23
C LEU C 30 15.29 2.84 -7.38
N ALA C 31 15.85 3.11 -6.20
CA ALA C 31 15.30 4.15 -5.34
C ALA C 31 15.38 5.51 -6.00
N SER C 32 16.49 5.79 -6.67
CA SER C 32 16.69 7.00 -7.45
C SER C 32 17.29 6.62 -8.79
N PRO C 33 17.04 7.39 -9.84
CA PRO C 33 17.60 7.07 -11.16
C PRO C 33 19.12 7.08 -11.12
N PRO C 34 19.77 6.12 -11.76
CA PRO C 34 21.24 6.05 -11.69
C PRO C 34 21.89 7.30 -12.26
N SER C 35 23.01 7.69 -11.65
CA SER C 35 23.77 8.84 -12.11
C SER C 35 24.73 8.42 -13.21
N GLN C 36 24.95 9.35 -14.16
CA GLN C 36 25.77 9.08 -15.32
C GLN C 36 27.20 9.61 -15.17
N GLY C 37 27.73 9.61 -13.95
CA GLY C 37 29.08 10.11 -13.73
C GLY C 37 30.14 9.24 -14.37
N GLU C 38 29.94 7.93 -14.34
CA GLU C 38 30.96 6.97 -14.77
C GLU C 38 30.71 6.43 -16.17
N VAL C 39 29.81 7.04 -16.94
CA VAL C 39 29.49 6.54 -18.28
C VAL C 39 30.67 6.78 -19.21
N PRO C 40 31.23 5.73 -19.81
CA PRO C 40 32.34 5.92 -20.75
C PRO C 40 31.88 6.56 -22.03
N PRO C 41 32.70 7.38 -22.66
CA PRO C 41 32.32 7.98 -23.94
C PRO C 41 32.30 6.95 -25.06
N GLY C 42 31.47 7.23 -26.06
CA GLY C 42 31.38 6.38 -27.24
C GLY C 42 30.13 5.53 -27.25
N PRO C 43 29.91 4.82 -28.35
CA PRO C 43 28.73 3.97 -28.46
C PRO C 43 28.83 2.74 -27.58
N LEU C 44 27.75 1.96 -27.56
CA LEU C 44 27.72 0.73 -26.79
C LEU C 44 28.67 -0.31 -27.40
N PRO C 45 29.24 -1.19 -26.57
CA PRO C 45 30.09 -2.26 -27.11
C PRO C 45 29.29 -3.22 -27.98
N GLU C 46 30.03 -3.99 -28.79
CA GLU C 46 29.38 -4.91 -29.72
C GLU C 46 28.63 -6.01 -28.99
N ALA C 47 29.17 -6.50 -27.88
CA ALA C 47 28.54 -7.60 -27.16
C ALA C 47 27.18 -7.17 -26.61
N VAL C 48 27.10 -6.00 -25.99
CA VAL C 48 25.84 -5.56 -25.39
C VAL C 48 24.80 -5.27 -26.46
N LEU C 49 25.21 -4.61 -27.55
CA LEU C 49 24.28 -4.34 -28.64
C LEU C 49 23.78 -5.64 -29.26
N ALA C 50 24.68 -6.61 -29.44
CA ALA C 50 24.28 -7.90 -29.99
C ALA C 50 23.30 -8.61 -29.07
N LEU C 51 23.54 -8.55 -27.76
CA LEU C 51 22.61 -9.18 -26.82
C LEU C 51 21.25 -8.50 -26.86
N TYR C 52 21.23 -7.16 -26.92
CA TYR C 52 19.96 -6.45 -26.99
C TYR C 52 19.19 -6.81 -28.26
N ASN C 53 19.88 -6.84 -29.40
CA ASN C 53 19.21 -7.24 -30.64
C ASN C 53 18.79 -8.71 -30.61
N SER C 54 19.50 -9.53 -29.84
CA SER C 54 19.13 -10.93 -29.71
C SER C 54 17.83 -11.08 -28.93
N THR C 55 17.72 -10.40 -27.78
CA THR C 55 16.47 -10.48 -27.03
C THR C 55 15.32 -9.77 -27.73
N ARG C 56 15.59 -8.77 -28.56
CA ARG C 56 14.52 -8.12 -29.30
C ARG C 56 13.98 -9.00 -30.43
N ASP C 57 14.66 -10.09 -30.77
CA ASP C 57 14.22 -10.96 -31.86
C ASP C 57 12.85 -11.56 -31.56
N ARG C 58 11.99 -11.56 -32.57
CA ARG C 58 10.65 -12.12 -32.47
C ARG C 58 10.64 -13.53 -33.02
N VAL C 59 10.08 -14.46 -32.23
CA VAL C 59 10.04 -15.87 -32.62
C VAL C 59 8.61 -16.38 -32.63
N PRO C 70 2.93 -16.80 -9.66
CA PRO C 70 3.88 -16.35 -8.64
C PRO C 70 3.97 -14.82 -8.55
N GLU C 71 4.30 -14.33 -7.35
CA GLU C 71 4.39 -12.90 -7.12
C GLU C 71 5.66 -12.29 -7.74
N ALA C 72 6.66 -13.11 -8.05
CA ALA C 72 7.97 -12.61 -8.46
C ALA C 72 8.09 -12.39 -9.96
N ASP C 73 7.02 -12.58 -10.73
CA ASP C 73 7.09 -12.28 -12.17
C ASP C 73 7.10 -10.79 -12.47
N TYR C 74 6.89 -9.95 -11.45
CA TYR C 74 6.78 -8.51 -11.66
C TYR C 74 8.13 -7.85 -11.92
N TYR C 75 9.21 -8.40 -11.38
CA TYR C 75 10.48 -7.68 -11.40
C TYR C 75 11.36 -8.13 -12.56
N ALA C 76 12.29 -7.26 -12.93
CA ALA C 76 13.11 -7.46 -14.11
C ALA C 76 14.12 -8.59 -13.90
N LYS C 77 14.66 -9.08 -15.00
CA LYS C 77 15.68 -10.12 -15.00
C LYS C 77 16.85 -9.69 -15.86
N GLU C 78 18.06 -9.82 -15.33
CA GLU C 78 19.26 -9.59 -16.11
C GLU C 78 19.38 -10.64 -17.20
N VAL C 79 19.73 -10.21 -18.41
CA VAL C 79 19.73 -11.06 -19.59
C VAL C 79 21.17 -11.26 -20.06
N THR C 80 21.57 -12.53 -20.18
CA THR C 80 22.90 -12.89 -20.62
C THR C 80 22.81 -14.05 -21.59
N ARG C 81 23.87 -14.23 -22.38
CA ARG C 81 23.92 -15.30 -23.37
C ARG C 81 25.29 -15.96 -23.36
N VAL C 82 25.33 -17.20 -23.83
CA VAL C 82 26.56 -17.97 -23.94
C VAL C 82 26.58 -18.67 -25.30
N LEU C 83 27.68 -18.53 -26.01
CA LEU C 83 27.84 -19.18 -27.31
C LEU C 83 28.37 -20.60 -27.14
N MET C 84 28.03 -21.47 -28.09
CA MET C 84 28.43 -22.86 -28.02
C MET C 84 29.95 -22.98 -28.11
N VAL C 85 30.49 -23.97 -27.41
CA VAL C 85 31.94 -24.17 -27.33
C VAL C 85 32.50 -24.57 -28.68
N MET C 104 25.28 -30.38 -29.51
CA MET C 104 25.64 -29.07 -28.98
C MET C 104 26.03 -29.16 -27.52
N PHE C 105 27.30 -28.90 -27.23
CA PHE C 105 27.83 -28.92 -25.88
C PHE C 105 28.29 -27.53 -25.47
N PHE C 106 28.27 -27.26 -24.17
CA PHE C 106 28.64 -25.96 -23.63
C PHE C 106 29.69 -26.13 -22.54
N ASN C 107 30.45 -25.07 -22.33
CA ASN C 107 31.38 -25.00 -21.20
C ASN C 107 30.60 -24.65 -19.95
N THR C 108 30.53 -25.59 -19.00
CA THR C 108 29.79 -25.34 -17.76
C THR C 108 30.40 -24.19 -16.98
N SER C 109 31.70 -23.92 -17.17
CA SER C 109 32.33 -22.79 -16.49
C SER C 109 31.70 -21.47 -16.91
N GLU C 110 31.47 -21.28 -18.21
CA GLU C 110 30.84 -20.05 -18.69
C GLU C 110 29.39 -19.96 -18.21
N LEU C 111 28.68 -21.09 -18.21
CA LEU C 111 27.30 -21.09 -17.72
C LEU C 111 27.23 -20.66 -16.27
N ARG C 112 28.14 -21.19 -15.44
CA ARG C 112 28.19 -20.79 -14.04
C ARG C 112 28.67 -19.35 -13.88
N GLU C 113 29.50 -18.87 -14.80
CA GLU C 113 29.91 -17.47 -14.77
C GLU C 113 28.72 -16.56 -15.02
N ALA C 114 27.81 -16.98 -15.91
CA ALA C 114 26.60 -16.19 -16.17
C ALA C 114 25.70 -16.13 -14.94
N VAL C 115 25.48 -17.27 -14.30
CA VAL C 115 24.55 -17.39 -13.18
C VAL C 115 25.34 -17.83 -11.95
N PRO C 116 25.48 -16.95 -10.94
CA PRO C 116 26.25 -17.30 -9.74
C PRO C 116 25.84 -18.62 -9.10
N GLU C 117 24.58 -18.74 -8.71
CA GLU C 117 24.05 -20.00 -8.20
C GLU C 117 22.65 -20.21 -8.76
N PRO C 118 22.21 -21.47 -8.91
CA PRO C 118 20.98 -21.74 -9.68
C PRO C 118 19.69 -21.30 -8.98
N VAL C 119 19.76 -20.63 -7.83
CA VAL C 119 18.54 -20.22 -7.15
C VAL C 119 17.83 -19.11 -7.91
N LEU C 120 18.60 -18.15 -8.44
CA LEU C 120 18.00 -16.93 -8.98
C LEU C 120 17.51 -17.08 -10.42
N LEU C 121 17.85 -18.17 -11.09
CA LEU C 121 17.45 -18.35 -12.49
C LEU C 121 15.93 -18.39 -12.60
N SER C 122 15.39 -17.65 -13.57
CA SER C 122 13.95 -17.55 -13.78
C SER C 122 13.49 -18.04 -15.15
N ARG C 123 14.36 -18.05 -16.16
CA ARG C 123 13.99 -18.52 -17.48
C ARG C 123 15.25 -18.74 -18.30
N ALA C 124 15.19 -19.74 -19.18
CA ALA C 124 16.33 -20.07 -20.04
C ALA C 124 15.80 -20.74 -21.29
N GLU C 125 15.80 -20.00 -22.41
CA GLU C 125 15.25 -20.48 -23.67
C GLU C 125 16.38 -20.80 -24.63
N LEU C 126 16.44 -22.04 -25.09
CA LEU C 126 17.35 -22.41 -26.16
C LEU C 126 16.75 -22.01 -27.50
N ARG C 127 17.50 -21.25 -28.29
CA ARG C 127 17.03 -20.74 -29.56
C ARG C 127 17.88 -21.31 -30.69
N LEU C 128 17.27 -21.45 -31.87
CA LEU C 128 17.91 -22.07 -33.01
C LEU C 128 17.63 -21.27 -34.27
N LEU C 129 18.50 -21.43 -35.27
CA LEU C 129 18.35 -20.78 -36.57
C LEU C 129 18.54 -21.83 -37.66
N ARG C 130 17.42 -22.34 -38.17
CA ARG C 130 17.48 -23.30 -39.27
C ARG C 130 17.88 -22.61 -40.56
N LEU C 131 18.70 -23.29 -41.36
CA LEU C 131 19.21 -22.69 -42.59
C LEU C 131 18.11 -22.57 -43.64
N LYS C 132 17.55 -23.71 -44.06
CA LYS C 132 16.52 -23.70 -45.10
C LYS C 132 15.72 -25.00 -45.00
N LEU C 133 14.40 -24.87 -44.98
CA LEU C 133 13.49 -26.02 -44.90
C LEU C 133 12.35 -25.80 -45.87
N LYS C 134 12.46 -26.38 -47.07
CA LYS C 134 11.42 -26.30 -48.08
C LYS C 134 10.36 -27.39 -47.93
N VAL C 135 10.57 -28.36 -47.05
CA VAL C 135 9.64 -29.45 -46.81
C VAL C 135 9.35 -29.53 -45.32
N GLU C 136 8.09 -29.77 -44.96
CA GLU C 136 7.71 -29.84 -43.57
C GLU C 136 8.35 -31.04 -42.90
N GLN C 137 8.81 -30.84 -41.67
CA GLN C 137 9.46 -31.90 -40.89
C GLN C 137 9.25 -31.63 -39.42
N HIS C 138 9.42 -32.68 -38.62
CA HIS C 138 9.27 -32.60 -37.17
C HIS C 138 10.58 -32.96 -36.48
N VAL C 139 10.92 -32.20 -35.45
CA VAL C 139 12.14 -32.42 -34.68
C VAL C 139 11.78 -32.43 -33.20
N GLU C 140 12.65 -33.08 -32.43
CA GLU C 140 12.45 -33.22 -30.98
C GLU C 140 13.75 -32.88 -30.26
N LEU C 141 13.62 -32.21 -29.12
CA LEU C 141 14.78 -31.84 -28.31
C LEU C 141 15.15 -32.97 -27.36
N TYR C 142 16.40 -32.94 -26.90
CA TYR C 142 16.90 -33.95 -25.99
C TYR C 142 17.98 -33.35 -25.10
N GLN C 143 18.21 -34.00 -23.97
CA GLN C 143 19.20 -33.57 -23.00
C GLN C 143 20.20 -34.69 -22.73
N LYS C 144 21.47 -34.32 -22.60
CA LYS C 144 22.48 -35.28 -22.16
C LYS C 144 22.31 -35.57 -20.67
N TYR C 145 21.57 -36.63 -20.35
CA TYR C 145 21.25 -36.92 -18.95
C TYR C 145 22.31 -37.81 -18.30
N SER C 146 22.52 -38.99 -18.87
CA SER C 146 23.48 -39.96 -18.34
C SER C 146 24.77 -39.89 -19.16
N ASN C 147 25.67 -40.84 -18.89
CA ASN C 147 26.95 -40.86 -19.60
C ASN C 147 26.74 -41.12 -21.09
N ASN C 148 25.77 -41.96 -21.45
CA ASN C 148 25.50 -42.24 -22.85
C ASN C 148 24.03 -42.01 -23.17
N SER C 149 23.17 -42.11 -22.17
CA SER C 149 21.74 -41.96 -22.39
C SER C 149 21.37 -40.48 -22.58
N TRP C 150 20.25 -40.26 -23.25
CA TRP C 150 19.71 -38.93 -23.47
C TRP C 150 18.24 -38.92 -23.04
N ARG C 151 17.81 -37.79 -22.48
CA ARG C 151 16.44 -37.65 -21.98
C ARG C 151 15.61 -36.87 -23.00
N TYR C 152 14.41 -37.38 -23.28
CA TYR C 152 13.55 -36.74 -24.27
C TYR C 152 12.97 -35.44 -23.72
N LEU C 153 12.74 -34.49 -24.64
CA LEU C 153 12.15 -33.20 -24.28
C LEU C 153 10.94 -32.91 -25.15
N SER C 154 10.43 -31.69 -25.09
CA SER C 154 9.28 -31.31 -25.90
C SER C 154 9.66 -31.30 -27.39
N ASN C 155 8.70 -31.69 -28.21
CA ASN C 155 8.91 -31.80 -29.66
C ASN C 155 8.01 -30.80 -30.38
N ARG C 156 8.47 -30.35 -31.55
CA ARG C 156 7.76 -29.36 -32.34
C ARG C 156 7.94 -29.65 -33.81
N LEU C 157 6.96 -29.23 -34.61
CA LEU C 157 6.98 -29.41 -36.05
C LEU C 157 7.36 -28.11 -36.74
N LEU C 158 8.15 -28.21 -37.81
CA LEU C 158 8.67 -27.04 -38.52
C LEU C 158 7.89 -26.84 -39.81
N ALA C 159 7.33 -25.63 -39.98
CA ALA C 159 6.63 -25.28 -41.21
C ALA C 159 7.63 -24.93 -42.31
N PRO C 160 7.28 -25.19 -43.56
CA PRO C 160 8.20 -24.88 -44.67
C PRO C 160 8.43 -23.38 -44.81
N SER C 161 9.65 -23.02 -45.19
CA SER C 161 10.02 -21.63 -45.42
C SER C 161 11.28 -21.59 -46.28
N ASP C 162 11.37 -20.55 -47.12
CA ASP C 162 12.52 -20.38 -48.00
C ASP C 162 13.58 -19.46 -47.41
N SER C 163 13.36 -18.93 -46.21
CA SER C 163 14.30 -18.01 -45.57
C SER C 163 14.58 -18.48 -44.15
N PRO C 164 15.77 -18.17 -43.63
CA PRO C 164 16.09 -18.56 -42.26
C PRO C 164 15.17 -17.86 -41.26
N GLU C 165 14.85 -18.59 -40.18
CA GLU C 165 14.02 -18.06 -39.11
C GLU C 165 14.49 -18.63 -37.79
N TRP C 166 14.16 -17.92 -36.71
CA TRP C 166 14.57 -18.31 -35.37
C TRP C 166 13.53 -19.24 -34.75
N LEU C 167 13.97 -20.39 -34.27
CA LEU C 167 13.12 -21.36 -33.60
C LEU C 167 13.57 -21.48 -32.14
N SER C 168 12.61 -21.61 -31.24
CA SER C 168 12.87 -21.62 -29.81
C SER C 168 12.41 -22.92 -29.18
N PHE C 169 12.95 -23.21 -28.01
CA PHE C 169 12.52 -24.36 -27.20
C PHE C 169 12.90 -24.08 -25.76
N ASP C 170 11.90 -23.89 -24.90
CA ASP C 170 12.14 -23.53 -23.52
C ASP C 170 12.90 -24.65 -22.81
N VAL C 171 14.14 -24.35 -22.41
CA VAL C 171 15.01 -25.35 -21.79
C VAL C 171 15.33 -24.95 -20.37
N THR C 172 14.37 -24.30 -19.70
CA THR C 172 14.62 -23.75 -18.36
C THR C 172 14.98 -24.85 -17.36
N GLY C 173 14.28 -25.97 -17.40
CA GLY C 173 14.49 -27.00 -16.40
C GLY C 173 15.87 -27.61 -16.44
N VAL C 174 16.36 -27.91 -17.65
CA VAL C 174 17.65 -28.58 -17.78
C VAL C 174 18.79 -27.67 -17.32
N VAL C 175 18.69 -26.38 -17.61
CA VAL C 175 19.75 -25.44 -17.27
C VAL C 175 19.93 -25.34 -15.76
N ARG C 176 18.81 -25.22 -15.03
CA ARG C 176 18.89 -25.16 -13.57
C ARG C 176 19.46 -26.45 -13.00
N GLN C 177 19.08 -27.59 -13.57
CA GLN C 177 19.67 -28.86 -13.16
C GLN C 177 21.15 -28.91 -13.47
N TRP C 178 21.55 -28.41 -14.65
CA TRP C 178 22.94 -28.34 -15.03
C TRP C 178 23.72 -27.39 -14.12
N ASN C 225 25.23 -16.05 -35.90
CA ASN C 225 26.27 -17.07 -36.02
C ASN C 225 25.77 -18.43 -35.53
N ARG C 226 26.53 -19.02 -34.62
CA ARG C 226 26.16 -20.33 -34.07
C ARG C 226 24.95 -20.20 -33.16
N PRO C 227 24.23 -21.30 -32.93
CA PRO C 227 23.14 -21.27 -31.95
C PRO C 227 23.68 -20.95 -30.56
N PHE C 228 22.85 -20.27 -29.76
CA PHE C 228 23.27 -19.78 -28.47
C PHE C 228 22.23 -20.11 -27.41
N LEU C 229 22.60 -19.84 -26.15
CA LEU C 229 21.73 -20.04 -25.01
C LEU C 229 21.42 -18.67 -24.40
N LEU C 230 20.16 -18.25 -24.50
CA LEU C 230 19.74 -17.03 -23.82
C LEU C 230 19.29 -17.35 -22.40
N LEU C 231 19.59 -16.45 -21.49
CA LEU C 231 19.31 -16.64 -20.07
C LEU C 231 18.59 -15.42 -19.53
N MET C 232 17.83 -15.62 -18.45
CA MET C 232 17.18 -14.54 -17.72
C MET C 232 17.19 -14.91 -16.24
N ALA C 233 17.79 -14.05 -15.42
CA ALA C 233 18.00 -14.37 -14.02
C ALA C 233 17.89 -13.11 -13.19
N THR C 234 17.65 -13.31 -11.91
CA THR C 234 17.59 -12.19 -10.96
C THR C 234 18.99 -11.66 -10.69
N PRO C 235 19.19 -10.35 -10.72
CA PRO C 235 20.54 -9.80 -10.55
C PRO C 235 21.07 -10.01 -9.13
N LEU C 236 22.39 -10.11 -9.03
CA LEU C 236 23.05 -10.25 -7.74
C LEU C 236 23.33 -8.88 -7.12
N LEU D 2 -1.24 -12.43 -1.39
CA LEU D 2 -2.70 -12.43 -1.34
C LEU D 2 -3.25 -13.86 -1.39
N ASP D 3 -3.11 -14.59 -0.28
CA ASP D 3 -3.60 -15.96 -0.21
C ASP D 3 -5.13 -15.98 -0.28
N THR D 4 -5.67 -17.01 -0.93
CA THR D 4 -7.11 -17.15 -1.02
C THR D 4 -7.73 -17.39 0.33
N ASN D 5 -7.09 -18.22 1.17
CA ASN D 5 -7.59 -18.45 2.52
C ASN D 5 -7.60 -17.18 3.34
N TYR D 6 -6.53 -16.40 3.27
CA TYR D 6 -6.45 -15.15 4.00
C TYR D 6 -7.54 -14.17 3.55
N CYS D 7 -7.75 -14.06 2.23
CA CYS D 7 -8.79 -13.17 1.72
C CYS D 7 -10.18 -13.63 2.15
N PHE D 8 -10.42 -14.95 2.11
CA PHE D 8 -11.74 -15.51 2.38
C PHE D 8 -12.05 -15.67 3.85
N SER D 9 -11.07 -15.50 4.74
CA SER D 9 -11.30 -15.65 6.17
C SER D 9 -10.85 -14.41 6.93
N SER D 10 -11.15 -13.23 6.39
CA SER D 10 -10.78 -11.98 7.02
C SER D 10 -11.52 -10.85 6.32
N THR D 11 -11.30 -9.62 6.81
CA THR D 11 -11.93 -8.43 6.26
C THR D 11 -10.86 -7.36 6.04
N GLU D 12 -10.52 -7.11 4.77
CA GLU D 12 -9.59 -6.06 4.40
C GLU D 12 -10.21 -5.19 3.31
N LYS D 13 -9.79 -3.93 3.26
CA LYS D 13 -10.26 -3.00 2.23
C LYS D 13 -9.33 -2.99 1.03
N ASN D 14 -9.02 -4.16 0.50
CA ASN D 14 -8.19 -4.30 -0.69
C ASN D 14 -8.72 -5.44 -1.54
N CYS D 15 -8.30 -5.47 -2.80
CA CYS D 15 -8.87 -6.40 -3.77
C CYS D 15 -8.53 -7.83 -3.37
N CYS D 16 -9.53 -8.55 -2.87
CA CYS D 16 -9.40 -9.94 -2.46
C CYS D 16 -10.63 -10.70 -2.91
N VAL D 17 -10.48 -12.01 -3.07
CA VAL D 17 -11.60 -12.88 -3.42
C VAL D 17 -12.42 -13.16 -2.16
N ARG D 18 -13.72 -12.92 -2.24
CA ARG D 18 -14.62 -13.09 -1.11
C ARG D 18 -15.40 -14.39 -1.24
N GLN D 19 -15.50 -15.12 -0.13
CA GLN D 19 -16.14 -16.43 -0.12
C GLN D 19 -17.64 -16.31 -0.35
N LEU D 20 -18.18 -17.23 -1.16
CA LEU D 20 -19.61 -17.28 -1.40
C LEU D 20 -19.99 -18.66 -1.90
N TYR D 21 -21.01 -19.25 -1.30
CA TYR D 21 -21.59 -20.51 -1.76
C TYR D 21 -23.06 -20.27 -2.09
N ILE D 22 -23.49 -20.77 -3.25
CA ILE D 22 -24.87 -20.61 -3.70
C ILE D 22 -25.57 -21.96 -3.62
N ASP D 23 -26.78 -21.95 -3.09
CA ASP D 23 -27.68 -23.10 -3.16
C ASP D 23 -28.82 -22.75 -4.10
N PHE D 24 -29.05 -23.60 -5.11
CA PHE D 24 -30.07 -23.31 -6.11
C PHE D 24 -31.43 -23.08 -5.49
N ARG D 25 -31.71 -23.74 -4.37
CA ARG D 25 -33.00 -23.61 -3.69
C ARG D 25 -32.96 -22.59 -2.57
N LYS D 26 -31.93 -22.65 -1.72
CA LYS D 26 -31.85 -21.72 -0.59
C LYS D 26 -31.53 -20.31 -1.04
N ASP D 27 -30.54 -20.14 -1.93
CA ASP D 27 -30.11 -18.82 -2.36
C ASP D 27 -30.82 -18.37 -3.63
N LEU D 28 -30.70 -19.12 -4.72
CA LEU D 28 -31.31 -18.72 -5.98
C LEU D 28 -32.83 -18.82 -5.96
N GLY D 29 -33.39 -19.73 -5.17
CA GLY D 29 -34.84 -19.89 -5.15
C GLY D 29 -35.39 -20.55 -6.40
N TRP D 30 -34.55 -21.27 -7.14
CA TRP D 30 -34.95 -21.97 -8.35
C TRP D 30 -34.92 -23.47 -8.11
N LYS D 31 -35.79 -24.20 -8.81
CA LYS D 31 -35.90 -25.64 -8.65
C LYS D 31 -35.80 -26.41 -9.95
N TRP D 32 -35.70 -25.73 -11.09
CA TRP D 32 -35.61 -26.43 -12.37
C TRP D 32 -34.22 -27.00 -12.64
N ILE D 33 -33.20 -26.57 -11.91
CA ILE D 33 -31.86 -27.12 -12.03
C ILE D 33 -31.78 -28.31 -11.07
N HIS D 34 -31.75 -29.52 -11.62
CA HIS D 34 -31.83 -30.72 -10.79
C HIS D 34 -30.51 -31.00 -10.08
N GLU D 35 -29.38 -30.73 -10.73
CA GLU D 35 -28.08 -31.06 -10.18
C GLU D 35 -27.09 -29.94 -10.49
N PRO D 36 -26.10 -29.73 -9.61
CA PRO D 36 -25.95 -30.31 -8.26
C PRO D 36 -26.69 -29.47 -7.22
N LYS D 37 -26.36 -29.61 -5.94
CA LYS D 37 -27.01 -28.79 -4.91
C LYS D 37 -26.45 -27.38 -4.82
N GLY D 38 -25.24 -27.14 -5.34
CA GLY D 38 -24.67 -25.82 -5.29
C GLY D 38 -23.21 -25.83 -5.71
N TYR D 39 -22.63 -24.64 -5.70
CA TYR D 39 -21.24 -24.44 -6.11
C TYR D 39 -20.71 -23.17 -5.46
N HIS D 40 -19.39 -23.06 -5.41
CA HIS D 40 -18.71 -21.91 -4.82
C HIS D 40 -18.35 -20.94 -5.93
N ALA D 41 -19.27 -20.03 -6.25
CA ALA D 41 -19.02 -19.06 -7.31
C ALA D 41 -18.04 -17.98 -6.87
N ASN D 42 -18.22 -17.45 -5.65
CA ASN D 42 -17.38 -16.39 -5.10
C ASN D 42 -17.40 -15.14 -5.98
N PHE D 43 -16.64 -14.12 -5.58
CA PHE D 43 -16.60 -12.87 -6.32
C PHE D 43 -15.38 -12.07 -5.88
N CYS D 44 -15.07 -11.02 -6.65
CA CYS D 44 -13.92 -10.17 -6.41
C CYS D 44 -14.39 -8.79 -5.93
N LEU D 45 -13.79 -8.30 -4.85
CA LEU D 45 -14.17 -7.01 -4.31
C LEU D 45 -12.98 -6.41 -3.58
N GLY D 46 -12.80 -5.09 -3.74
CA GLY D 46 -11.71 -4.38 -3.10
C GLY D 46 -11.04 -3.38 -4.03
N PRO D 47 -10.89 -2.15 -3.56
CA PRO D 47 -10.35 -1.09 -4.42
C PRO D 47 -8.85 -1.26 -4.64
N CYS D 48 -8.38 -0.73 -5.77
CA CYS D 48 -6.97 -0.70 -6.12
C CYS D 48 -6.57 0.77 -6.30
N PRO D 49 -5.91 1.35 -5.30
CA PRO D 49 -5.56 2.77 -5.40
C PRO D 49 -4.52 3.03 -6.48
N TYR D 50 -4.60 4.22 -7.07
CA TYR D 50 -3.58 4.65 -8.01
C TYR D 50 -2.43 5.30 -7.25
N ILE D 51 -1.21 4.97 -7.65
CA ILE D 51 -0.01 5.41 -6.95
C ILE D 51 0.69 6.45 -7.82
N TRP D 52 0.64 7.70 -7.37
CA TRP D 52 1.39 8.77 -8.03
C TRP D 52 2.86 8.61 -7.72
N SER D 53 3.70 8.64 -8.75
CA SER D 53 5.10 8.26 -8.61
C SER D 53 6.02 9.47 -8.62
N LEU D 54 7.22 9.25 -8.10
CA LEU D 54 8.30 10.22 -8.08
C LEU D 54 9.55 9.58 -8.68
N ASP D 55 10.56 10.41 -8.93
CA ASP D 55 11.84 9.89 -9.37
C ASP D 55 12.63 9.30 -8.20
N THR D 56 12.52 9.91 -7.03
CA THR D 56 13.23 9.47 -5.83
C THR D 56 12.21 8.94 -4.83
N GLN D 57 12.28 7.64 -4.55
CA GLN D 57 11.39 7.00 -3.60
C GLN D 57 12.20 6.13 -2.66
N TYR D 58 11.68 5.95 -1.45
CA TYR D 58 12.33 5.05 -0.50
C TYR D 58 12.31 3.63 -1.06
N SER D 59 13.29 2.83 -0.66
CA SER D 59 13.45 1.51 -1.27
C SER D 59 12.21 0.64 -1.05
N LYS D 60 11.48 0.88 0.03
CA LYS D 60 10.42 -0.03 0.45
C LYS D 60 9.02 0.44 0.05
N VAL D 61 8.88 1.59 -0.61
CA VAL D 61 7.59 1.92 -1.23
C VAL D 61 7.47 1.36 -2.63
N LEU D 62 8.56 0.84 -3.20
CA LEU D 62 8.50 0.23 -4.53
C LEU D 62 7.74 -1.08 -4.53
N ALA D 63 7.43 -1.63 -3.35
CA ALA D 63 6.66 -2.86 -3.27
C ALA D 63 5.15 -2.62 -3.38
N LEU D 64 4.70 -1.37 -3.26
CA LEU D 64 3.28 -1.06 -3.39
C LEU D 64 2.81 -1.18 -4.84
N TYR D 65 3.71 -1.02 -5.81
CA TYR D 65 3.30 -1.05 -7.20
C TYR D 65 2.87 -2.45 -7.63
N ASN D 66 3.62 -3.48 -7.24
CA ASN D 66 3.24 -4.84 -7.58
C ASN D 66 1.95 -5.27 -6.93
N GLN D 67 1.56 -4.62 -5.83
CA GLN D 67 0.34 -5.00 -5.12
C GLN D 67 -0.88 -4.21 -5.58
N HIS D 68 -0.68 -2.97 -6.03
CA HIS D 68 -1.82 -2.10 -6.30
C HIS D 68 -2.02 -1.78 -7.79
N ASN D 69 -0.94 -1.55 -8.54
CA ASN D 69 -1.04 -1.26 -9.97
C ASN D 69 0.03 -2.04 -10.72
N PRO D 70 -0.13 -3.37 -10.79
CA PRO D 70 0.90 -4.19 -11.45
C PRO D 70 1.08 -3.88 -12.93
N GLY D 71 0.00 -3.47 -13.62
CA GLY D 71 0.05 -3.23 -15.04
C GLY D 71 0.27 -1.79 -15.45
N ALA D 72 0.51 -0.89 -14.51
CA ALA D 72 0.70 0.54 -14.79
C ALA D 72 -0.48 1.11 -15.57
N SER D 73 -1.69 0.73 -15.16
CA SER D 73 -2.90 1.22 -15.81
C SER D 73 -3.16 2.67 -15.40
N ALA D 74 -4.29 3.20 -15.87
CA ALA D 74 -4.72 4.54 -15.47
C ALA D 74 -5.77 4.50 -14.38
N ALA D 75 -6.73 3.59 -14.48
CA ALA D 75 -7.76 3.39 -13.46
C ALA D 75 -7.86 1.89 -13.20
N PRO D 76 -7.03 1.36 -12.30
CA PRO D 76 -7.03 -0.09 -12.08
C PRO D 76 -8.33 -0.59 -11.47
N CYS D 77 -8.68 -1.83 -11.83
CA CYS D 77 -9.91 -2.47 -11.41
C CYS D 77 -9.60 -3.87 -10.91
N CYS D 78 -10.38 -4.32 -9.92
CA CYS D 78 -10.22 -5.65 -9.34
C CYS D 78 -11.03 -6.64 -10.15
N VAL D 79 -10.33 -7.50 -10.90
CA VAL D 79 -10.99 -8.43 -11.83
C VAL D 79 -10.52 -9.85 -11.56
N PRO D 80 -11.35 -10.86 -11.85
CA PRO D 80 -10.90 -12.24 -11.73
C PRO D 80 -9.75 -12.56 -12.69
N GLN D 81 -8.83 -13.40 -12.21
CA GLN D 81 -7.68 -13.81 -13.02
C GLN D 81 -7.75 -15.24 -13.51
N ALA D 82 -8.51 -16.11 -12.84
CA ALA D 82 -8.71 -17.49 -13.26
C ALA D 82 -10.16 -17.87 -13.05
N LEU D 83 -10.68 -18.72 -13.94
CA LEU D 83 -12.08 -19.13 -13.88
C LEU D 83 -12.18 -20.61 -14.20
N GLU D 84 -13.27 -21.23 -13.75
CA GLU D 84 -13.50 -22.66 -13.86
C GLU D 84 -14.92 -22.91 -14.36
N PRO D 85 -15.15 -24.05 -15.02
CA PRO D 85 -16.48 -24.36 -15.54
C PRO D 85 -17.35 -25.12 -14.54
N LEU D 86 -18.65 -25.08 -14.79
CA LEU D 86 -19.64 -25.70 -13.91
C LEU D 86 -20.67 -26.47 -14.74
N PRO D 87 -20.76 -27.79 -14.59
CA PRO D 87 -21.85 -28.52 -15.26
C PRO D 87 -23.10 -28.61 -14.41
N ILE D 88 -24.27 -28.36 -15.02
CA ILE D 88 -25.55 -28.46 -14.33
C ILE D 88 -26.49 -29.34 -15.16
N VAL D 89 -27.68 -29.57 -14.61
CA VAL D 89 -28.72 -30.33 -15.29
C VAL D 89 -30.06 -29.61 -15.10
N TYR D 90 -30.55 -28.98 -16.17
CA TYR D 90 -31.75 -28.17 -16.10
C TYR D 90 -32.74 -28.63 -17.16
N TYR D 91 -34.02 -28.45 -16.87
CA TYR D 91 -35.09 -28.87 -17.77
C TYR D 91 -35.56 -27.69 -18.61
N VAL D 92 -35.44 -27.83 -19.93
CA VAL D 92 -35.98 -26.84 -20.86
C VAL D 92 -37.16 -27.47 -21.59
N GLY D 93 -38.36 -27.27 -21.06
CA GLY D 93 -39.54 -27.93 -21.59
C GLY D 93 -39.69 -29.34 -21.04
N ARG D 94 -39.57 -30.34 -21.91
CA ARG D 94 -39.68 -31.73 -21.50
C ARG D 94 -38.39 -32.52 -21.64
N LYS D 95 -37.41 -32.00 -22.37
CA LYS D 95 -36.15 -32.71 -22.58
C LYS D 95 -35.10 -32.21 -21.60
N PRO D 96 -34.58 -33.04 -20.72
CA PRO D 96 -33.50 -32.60 -19.82
C PRO D 96 -32.26 -32.22 -20.61
N LYS D 97 -31.54 -31.22 -20.12
CA LYS D 97 -30.37 -30.69 -20.80
C LYS D 97 -29.19 -30.61 -19.85
N VAL D 98 -28.01 -30.95 -20.37
CA VAL D 98 -26.76 -30.86 -19.62
C VAL D 98 -25.84 -29.93 -20.39
N GLU D 99 -25.24 -28.97 -19.68
CA GLU D 99 -24.37 -27.98 -20.29
C GLU D 99 -23.18 -27.71 -19.38
N GLN D 100 -22.04 -27.39 -19.98
CA GLN D 100 -20.84 -27.02 -19.23
C GLN D 100 -20.67 -25.50 -19.35
N LEU D 101 -21.31 -24.77 -18.44
CA LEU D 101 -21.25 -23.32 -18.48
C LEU D 101 -19.84 -22.84 -18.19
N SER D 102 -19.48 -21.71 -18.78
CA SER D 102 -18.13 -21.16 -18.69
C SER D 102 -18.13 -19.86 -17.88
N ASN D 103 -17.00 -19.61 -17.22
CA ASN D 103 -16.76 -18.41 -16.41
C ASN D 103 -17.82 -18.29 -15.30
N MET D 104 -17.78 -19.28 -14.41
CA MET D 104 -18.73 -19.36 -13.31
C MET D 104 -18.07 -19.41 -11.93
N ILE D 105 -16.92 -20.06 -11.80
CA ILE D 105 -16.23 -20.20 -10.53
C ILE D 105 -14.93 -19.39 -10.59
N VAL D 106 -14.74 -18.50 -9.61
CA VAL D 106 -13.56 -17.66 -9.53
C VAL D 106 -12.70 -18.12 -8.35
N ARG D 107 -11.39 -18.16 -8.57
CA ARG D 107 -10.43 -18.55 -7.55
C ARG D 107 -9.60 -17.40 -7.01
N SER D 108 -9.05 -16.56 -7.89
CA SER D 108 -8.17 -15.47 -7.48
C SER D 108 -8.54 -14.21 -8.27
N CYS D 109 -8.17 -13.07 -7.71
CA CYS D 109 -8.47 -11.77 -8.31
C CYS D 109 -7.24 -10.88 -8.27
N LYS D 110 -6.97 -10.20 -9.39
CA LYS D 110 -5.88 -9.25 -9.52
C LYS D 110 -6.44 -7.83 -9.62
N CYS D 111 -5.52 -6.86 -9.67
CA CYS D 111 -5.86 -5.48 -9.98
C CYS D 111 -5.46 -5.20 -11.42
N SER D 112 -6.43 -4.92 -12.28
CA SER D 112 -6.16 -4.74 -13.69
C SER D 112 -6.83 -3.49 -14.26
N VAL E 14 25.36 36.24 2.47
CA VAL E 14 26.32 35.45 1.70
C VAL E 14 25.57 34.52 0.76
N SER E 15 26.01 34.47 -0.50
CA SER E 15 25.40 33.62 -1.52
C SER E 15 26.49 32.79 -2.18
N CYS E 16 26.60 31.52 -1.77
CA CYS E 16 27.53 30.57 -2.37
C CYS E 16 26.80 29.46 -3.11
N GLN E 17 25.59 29.73 -3.60
CA GLN E 17 24.77 28.69 -4.21
C GLN E 17 25.38 28.22 -5.52
N VAL E 18 25.24 26.92 -5.79
CA VAL E 18 25.71 26.28 -7.02
C VAL E 18 27.18 26.61 -7.26
N LEU E 19 28.03 26.29 -6.29
CA LEU E 19 29.46 26.46 -6.44
C LEU E 19 30.23 25.14 -6.39
N GLY E 20 29.57 24.03 -6.10
CA GLY E 20 30.24 22.75 -6.04
C GLY E 20 31.16 22.56 -4.86
N LEU E 21 30.97 23.33 -3.79
CA LEU E 21 31.81 23.20 -2.61
C LEU E 21 31.57 21.87 -1.93
N LEU E 22 32.66 21.19 -1.56
CA LEU E 22 32.55 19.89 -0.90
C LEU E 22 32.26 19.99 0.58
N GLN E 23 32.92 20.90 1.29
CA GLN E 23 32.78 21.04 2.72
C GLN E 23 32.23 22.41 3.06
N VAL E 24 31.95 22.62 4.35
CA VAL E 24 31.44 23.90 4.83
C VAL E 24 32.59 24.91 4.87
N PRO E 25 32.43 26.11 4.30
CA PRO E 25 33.52 27.08 4.33
C PRO E 25 33.68 27.71 5.70
N SER E 26 34.93 27.96 6.08
CA SER E 26 35.26 28.51 7.39
C SER E 26 35.75 29.94 7.32
N VAL E 27 35.63 30.60 6.16
CA VAL E 27 36.09 31.97 5.98
C VAL E 27 34.94 32.97 6.04
N LEU E 28 33.74 32.52 6.37
CA LEU E 28 32.59 33.42 6.41
C LEU E 28 32.69 34.35 7.62
N PRO E 29 32.26 35.60 7.49
CA PRO E 29 32.29 36.52 8.64
C PRO E 29 31.34 36.06 9.73
N PRO E 30 31.68 36.32 10.99
CA PRO E 30 30.79 35.90 12.09
C PRO E 30 29.46 36.66 12.13
N ASP E 31 29.36 37.80 11.46
CA ASP E 31 28.15 38.61 11.48
C ASP E 31 27.13 38.20 10.41
N THR E 32 27.22 36.98 9.89
CA THR E 32 26.32 36.55 8.83
C THR E 32 24.93 36.28 9.38
N GLU E 33 23.91 36.89 8.77
CA GLU E 33 22.53 36.68 9.13
C GLU E 33 21.76 35.83 8.15
N THR E 34 22.27 35.65 6.94
CA THR E 34 21.60 34.87 5.90
C THR E 34 22.66 34.24 5.01
N LEU E 35 22.66 32.91 4.95
CA LEU E 35 23.66 32.15 4.22
C LEU E 35 22.98 31.25 3.20
N ASP E 36 23.54 31.18 2.00
CA ASP E 36 22.96 30.41 0.91
C ASP E 36 24.03 29.46 0.37
N LEU E 37 23.72 28.16 0.35
CA LEU E 37 24.62 27.15 -0.16
C LEU E 37 23.92 26.14 -1.06
N SER E 38 22.73 26.47 -1.55
CA SER E 38 21.93 25.50 -2.30
C SER E 38 22.66 25.04 -3.57
N GLY E 39 22.60 23.73 -3.82
CA GLY E 39 23.18 23.19 -5.03
C GLY E 39 24.63 22.79 -4.95
N ASN E 40 25.17 22.63 -3.74
CA ASN E 40 26.56 22.23 -3.56
C ASN E 40 26.66 20.72 -3.37
N GLN E 41 27.85 20.26 -3.00
CA GLN E 41 28.14 18.83 -2.82
C GLN E 41 28.44 18.50 -1.37
N LEU E 42 27.79 19.19 -0.43
CA LEU E 42 27.95 18.87 0.98
C LEU E 42 27.30 17.54 1.30
N ARG E 43 28.02 16.68 2.01
CA ARG E 43 27.54 15.36 2.36
C ARG E 43 27.34 15.17 3.86
N SER E 44 27.55 16.21 4.66
CA SER E 44 27.41 16.14 6.11
C SER E 44 27.43 17.55 6.67
N ILE E 45 26.63 17.78 7.72
CA ILE E 45 26.59 19.06 8.40
C ILE E 45 27.23 18.85 9.77
N LEU E 46 28.51 19.16 9.88
CA LEU E 46 29.24 19.00 11.13
C LEU E 46 29.14 20.26 11.97
N ALA E 47 29.26 20.08 13.29
CA ALA E 47 28.98 21.18 14.22
C ALA E 47 30.06 22.26 14.18
N SER E 48 31.33 21.87 14.01
CA SER E 48 32.41 22.84 14.20
C SER E 48 32.39 23.95 13.14
N PRO E 49 32.35 23.66 11.82
CA PRO E 49 32.27 24.78 10.87
C PRO E 49 31.04 25.65 11.05
N LEU E 50 29.92 25.07 11.46
CA LEU E 50 28.65 25.79 11.48
C LEU E 50 28.44 26.61 12.76
N GLY E 51 29.05 26.21 13.87
CA GLY E 51 28.81 26.90 15.13
C GLY E 51 29.43 28.28 15.22
N PHE E 52 30.32 28.63 14.29
CA PHE E 52 30.96 29.95 14.34
C PHE E 52 29.96 31.07 14.09
N TYR E 53 29.02 30.85 13.16
CA TYR E 53 28.09 31.89 12.74
C TYR E 53 26.80 31.74 13.53
N THR E 54 26.87 32.07 14.81
CA THR E 54 25.72 31.97 15.69
C THR E 54 24.65 33.00 15.40
N ALA E 55 24.93 33.99 14.56
CA ALA E 55 23.98 35.05 14.25
C ALA E 55 23.08 34.72 13.07
N LEU E 56 23.19 33.52 12.52
CA LEU E 56 22.40 33.16 11.36
C LEU E 56 20.90 33.14 11.67
N ARG E 57 20.12 33.74 10.78
CA ARG E 57 18.67 33.66 10.85
C ARG E 57 18.04 32.98 9.64
N HIS E 58 18.74 32.91 8.51
CA HIS E 58 18.26 32.22 7.32
C HIS E 58 19.39 31.34 6.79
N LEU E 59 19.36 30.06 7.12
CA LEU E 59 20.32 29.09 6.62
C LEU E 59 19.68 28.30 5.47
N ASP E 60 20.41 28.15 4.38
CA ASP E 60 19.90 27.51 3.17
C ASP E 60 20.90 26.44 2.72
N LEU E 61 20.60 25.19 3.04
CA LEU E 61 21.45 24.06 2.66
C LEU E 61 20.78 23.13 1.66
N SER E 62 19.62 23.50 1.13
CA SER E 62 18.81 22.60 0.32
C SER E 62 19.54 22.18 -0.95
N THR E 63 19.02 21.13 -1.58
CA THR E 63 19.57 20.59 -2.82
C THR E 63 21.04 20.22 -2.67
N ASN E 64 21.34 19.49 -1.60
CA ASN E 64 22.65 18.90 -1.38
C ASN E 64 22.52 17.39 -1.25
N GLU E 65 23.65 16.74 -0.99
CA GLU E 65 23.69 15.30 -0.75
C GLU E 65 23.93 14.99 0.73
N ILE E 66 23.56 15.91 1.61
CA ILE E 66 23.81 15.76 3.03
C ILE E 66 23.07 14.53 3.55
N SER E 67 23.84 13.56 4.06
CA SER E 67 23.29 12.30 4.52
C SER E 67 23.36 12.13 6.04
N PHE E 68 24.36 12.71 6.71
CA PHE E 68 24.50 12.61 8.15
C PHE E 68 24.38 13.98 8.79
N LEU E 69 23.74 14.02 9.95
CA LEU E 69 23.59 15.23 10.74
C LEU E 69 24.18 15.02 12.12
N GLN E 70 25.09 15.91 12.52
CA GLN E 70 25.67 15.83 13.85
C GLN E 70 24.59 16.10 14.89
N PRO E 71 24.56 15.35 16.00
CA PRO E 71 23.54 15.61 17.02
C PRO E 71 23.58 17.01 17.59
N GLY E 72 24.77 17.60 17.71
CA GLY E 72 24.89 18.96 18.20
C GLY E 72 25.17 19.96 17.09
N ALA E 73 24.76 19.63 15.87
CA ALA E 73 25.07 20.48 14.72
C ALA E 73 24.35 21.82 14.82
N PHE E 74 23.01 21.80 14.85
CA PHE E 74 22.23 23.01 14.78
C PHE E 74 21.94 23.63 16.14
N GLN E 75 22.43 23.03 17.23
CA GLN E 75 22.11 23.51 18.57
C GLN E 75 22.76 24.85 18.89
N ALA E 76 23.71 25.31 18.08
CA ALA E 76 24.38 26.57 18.37
C ALA E 76 23.69 27.76 17.71
N LEU E 77 23.03 27.54 16.57
CA LEU E 77 22.38 28.62 15.83
C LEU E 77 21.08 28.99 16.54
N THR E 78 21.23 29.70 17.66
CA THR E 78 20.10 30.02 18.51
C THR E 78 19.12 31.01 17.87
N HIS E 79 19.55 31.75 16.85
CA HIS E 79 18.70 32.74 16.21
C HIS E 79 18.22 32.31 14.82
N LEU E 80 18.22 31.00 14.55
CA LEU E 80 17.66 30.51 13.30
C LEU E 80 16.17 30.83 13.22
N GLU E 81 15.75 31.38 12.08
CA GLU E 81 14.34 31.59 11.81
C GLU E 81 13.81 30.77 10.65
N HIS E 82 14.68 30.26 9.78
CA HIS E 82 14.24 29.44 8.65
C HIS E 82 15.42 28.65 8.14
N LEU E 83 15.28 27.32 8.13
CA LEU E 83 16.27 26.42 7.57
C LEU E 83 15.58 25.52 6.55
N SER E 84 16.30 25.16 5.50
CA SER E 84 15.75 24.37 4.41
C SER E 84 16.75 23.30 4.00
N LEU E 85 16.54 22.07 4.47
CA LEU E 85 17.33 20.92 4.09
C LEU E 85 16.67 20.14 2.96
N ALA E 86 15.79 20.79 2.20
CA ALA E 86 14.94 20.10 1.24
C ALA E 86 15.74 19.44 0.13
N HIS E 87 15.21 18.32 -0.37
CA HIS E 87 15.79 17.58 -1.49
C HIS E 87 17.21 17.10 -1.14
N ASN E 88 17.30 16.38 -0.03
CA ASN E 88 18.54 15.81 0.48
C ASN E 88 18.36 14.30 0.67
N ARG E 89 19.47 13.64 0.97
CA ARG E 89 19.45 12.21 1.27
C ARG E 89 19.40 11.97 2.78
N LEU E 90 18.35 12.49 3.41
CA LEU E 90 18.17 12.36 4.85
C LEU E 90 17.36 11.13 5.23
N ALA E 91 16.88 10.34 4.26
CA ALA E 91 16.13 9.14 4.58
C ALA E 91 17.01 8.14 5.32
N MET E 92 18.25 7.96 4.89
CA MET E 92 19.18 7.07 5.55
C MET E 92 19.78 7.67 6.81
N ALA E 93 19.55 8.96 7.07
CA ALA E 93 20.05 9.58 8.29
C ALA E 93 19.39 8.99 9.53
N THR E 94 18.09 8.70 9.45
CA THR E 94 17.38 8.12 10.59
C THR E 94 18.00 6.80 11.03
N ALA E 95 18.55 6.03 10.09
CA ALA E 95 19.22 4.78 10.46
C ALA E 95 20.67 5.03 10.86
N LEU E 96 21.37 5.88 10.11
CA LEU E 96 22.76 6.19 10.48
C LEU E 96 22.84 6.97 11.78
N SER E 97 21.81 7.74 12.11
CA SER E 97 21.84 8.60 13.30
C SER E 97 20.51 8.55 14.02
N ALA E 98 20.56 8.29 15.32
CA ALA E 98 19.39 8.40 16.17
C ALA E 98 19.25 9.83 16.67
N GLY E 99 18.00 10.25 16.88
CA GLY E 99 17.73 11.61 17.28
C GLY E 99 17.49 12.53 16.10
N GLY E 100 18.30 12.38 15.05
CA GLY E 100 18.13 13.18 13.85
C GLY E 100 18.22 14.66 14.16
N LEU E 101 17.16 15.40 13.83
CA LEU E 101 17.09 16.80 14.19
C LEU E 101 17.00 16.95 15.71
N GLY E 102 17.69 17.96 16.23
CA GLY E 102 17.56 18.31 17.62
C GLY E 102 16.51 19.37 17.80
N PRO E 103 16.28 19.79 19.04
CA PRO E 103 15.32 20.88 19.28
C PRO E 103 15.79 22.17 18.60
N LEU E 104 14.85 22.86 17.97
CA LEU E 104 15.12 24.08 17.22
C LEU E 104 14.26 25.18 17.85
N PRO E 105 14.79 25.84 18.88
CA PRO E 105 13.92 26.72 19.70
C PRO E 105 13.33 27.91 18.96
N ARG E 106 13.95 28.37 17.88
CA ARG E 106 13.50 29.58 17.21
C ARG E 106 13.19 29.37 15.72
N VAL E 107 13.33 28.15 15.21
CA VAL E 107 13.09 27.90 13.79
C VAL E 107 11.60 28.04 13.49
N THR E 108 11.28 28.78 12.43
CA THR E 108 9.89 29.03 12.06
C THR E 108 9.44 28.32 10.80
N SER E 109 10.35 27.98 9.89
CA SER E 109 9.97 27.34 8.64
C SER E 109 11.01 26.27 8.31
N LEU E 110 10.59 25.01 8.43
CA LEU E 110 11.41 23.86 8.05
C LEU E 110 10.81 23.21 6.81
N ASP E 111 11.67 22.85 5.87
CA ASP E 111 11.24 22.27 4.60
C ASP E 111 12.11 21.05 4.33
N LEU E 112 11.60 19.87 4.66
CA LEU E 112 12.30 18.61 4.48
C LEU E 112 11.79 17.86 3.26
N SER E 113 11.18 18.56 2.31
CA SER E 113 10.55 17.93 1.17
C SER E 113 11.58 17.31 0.23
N GLY E 114 11.16 16.24 -0.44
CA GLY E 114 12.03 15.57 -1.40
C GLY E 114 13.09 14.68 -0.80
N ASN E 115 13.00 14.38 0.48
CA ASN E 115 14.02 13.61 1.19
C ASN E 115 13.78 12.11 1.14
N SER E 116 12.67 11.67 0.56
CA SER E 116 12.22 10.26 0.64
C SER E 116 12.09 9.82 2.10
N LEU E 117 11.58 10.73 2.95
CA LEU E 117 11.33 10.40 4.34
C LEU E 117 10.18 9.42 4.45
N TYR E 118 10.09 8.77 5.60
CA TYR E 118 9.11 7.71 5.78
C TYR E 118 8.41 7.86 7.12
N SER E 119 7.14 7.47 7.14
CA SER E 119 6.40 7.35 8.39
C SER E 119 7.12 6.36 9.31
N GLY E 120 7.16 6.71 10.60
CA GLY E 120 7.95 5.93 11.54
C GLY E 120 9.36 6.47 11.62
N LEU E 121 10.04 6.55 10.49
CA LEU E 121 11.29 7.30 10.41
C LEU E 121 11.03 8.78 10.65
N LEU E 122 9.89 9.28 10.16
CA LEU E 122 9.48 10.65 10.41
C LEU E 122 9.11 10.88 11.87
N GLU E 123 8.56 9.86 12.53
CA GLU E 123 8.18 10.00 13.93
C GLU E 123 9.37 10.27 14.83
N ARG E 124 10.56 9.79 14.43
CA ARG E 124 11.77 9.97 15.22
C ARG E 124 12.65 11.09 14.71
N LEU E 125 12.68 11.33 13.39
CA LEU E 125 13.51 12.40 12.84
C LEU E 125 13.06 13.77 13.35
N LEU E 126 11.76 14.01 13.41
CA LEU E 126 11.24 15.31 13.80
C LEU E 126 11.51 15.58 15.27
N GLY E 127 12.19 16.69 15.56
CA GLY E 127 12.36 17.16 16.91
C GLY E 127 11.35 18.24 17.24
N GLU E 128 11.10 18.43 18.52
CA GLU E 128 10.06 19.37 18.95
C GLU E 128 10.48 20.80 18.63
N ALA E 129 9.51 21.57 18.15
CA ALA E 129 9.74 22.95 17.70
C ALA E 129 8.50 23.78 18.00
N PRO E 130 8.51 24.56 19.08
CA PRO E 130 7.32 25.36 19.42
C PRO E 130 7.14 26.58 18.54
N SER E 131 8.19 27.02 17.83
CA SER E 131 8.12 28.21 17.00
C SER E 131 7.98 27.89 15.52
N LEU E 132 7.70 26.65 15.16
CA LEU E 132 7.58 26.27 13.76
C LEU E 132 6.27 26.76 13.19
N HIS E 133 6.32 27.46 12.06
CA HIS E 133 5.15 28.06 11.43
C HIS E 133 4.66 27.32 10.20
N THR E 134 5.54 26.58 9.53
CA THR E 134 5.19 25.89 8.29
C THR E 134 6.18 24.76 8.06
N LEU E 135 5.68 23.54 8.00
CA LEU E 135 6.48 22.37 7.74
C LEU E 135 6.06 21.76 6.41
N SER E 136 7.04 21.28 5.65
CA SER E 136 6.80 20.68 4.34
C SER E 136 7.51 19.35 4.27
N LEU E 137 6.76 18.29 3.94
CA LEU E 137 7.28 16.95 3.80
C LEU E 137 6.90 16.33 2.46
N ALA E 138 6.46 17.15 1.51
CA ALA E 138 5.93 16.67 0.25
C ALA E 138 7.02 16.00 -0.59
N GLU E 139 6.58 15.21 -1.56
CA GLU E 139 7.47 14.46 -2.44
C GLU E 139 8.32 13.47 -1.65
N ASN E 140 7.72 12.86 -0.64
CA ASN E 140 8.35 11.84 0.19
C ASN E 140 7.58 10.54 0.03
N SER E 141 7.90 9.55 0.88
CA SER E 141 7.30 8.23 0.79
C SER E 141 6.48 7.87 2.02
N LEU E 142 5.70 8.82 2.55
CA LEU E 142 4.88 8.53 3.71
C LEU E 142 3.63 7.77 3.29
N THR E 143 3.44 6.57 3.84
CA THR E 143 2.33 5.70 3.47
C THR E 143 1.13 5.81 4.41
N ARG E 144 1.34 6.11 5.68
CA ARG E 144 0.23 6.21 6.62
C ARG E 144 0.60 7.16 7.75
N LEU E 145 -0.43 7.79 8.32
CA LEU E 145 -0.27 8.73 9.42
C LEU E 145 -0.95 8.14 10.66
N THR E 146 -0.15 7.73 11.63
CA THR E 146 -0.67 7.14 12.85
C THR E 146 -0.90 8.23 13.89
N ARG E 147 -1.36 7.82 15.08
CA ARG E 147 -1.73 8.80 16.10
C ARG E 147 -0.53 9.59 16.60
N HIS E 148 0.67 9.02 16.55
CA HIS E 148 1.85 9.63 17.13
C HIS E 148 2.86 10.01 16.06
N THR E 149 2.40 10.56 14.94
CA THR E 149 3.30 11.08 13.92
C THR E 149 3.54 12.58 14.10
N PHE E 150 2.48 13.38 14.03
CA PHE E 150 2.57 14.82 14.24
C PHE E 150 2.28 15.09 15.71
N ARG E 151 3.36 15.22 16.49
CA ARG E 151 3.25 15.51 17.91
C ARG E 151 4.19 16.64 18.27
N ASP E 152 3.73 17.52 19.18
CA ASP E 152 4.55 18.58 19.75
C ASP E 152 4.88 19.67 18.72
N MET E 153 3.90 20.06 17.91
CA MET E 153 3.99 21.29 17.11
C MET E 153 2.71 22.10 17.36
N PRO E 154 2.64 22.82 18.48
CA PRO E 154 1.43 23.58 18.79
C PRO E 154 1.28 24.87 17.99
N ALA E 155 2.25 25.25 17.18
CA ALA E 155 2.19 26.49 16.41
C ALA E 155 2.23 26.24 14.90
N LEU E 156 2.08 25.01 14.46
CA LEU E 156 2.03 24.74 13.03
C LEU E 156 0.68 25.17 12.47
N GLU E 157 0.72 25.87 11.33
CA GLU E 157 -0.51 26.26 10.65
C GLU E 157 -0.52 25.94 9.16
N GLN E 158 0.51 25.29 8.63
CA GLN E 158 0.50 24.74 7.28
C GLN E 158 1.31 23.45 7.26
N LEU E 159 0.75 22.42 6.66
CA LEU E 159 1.41 21.13 6.54
C LEU E 159 1.25 20.65 5.11
N ASP E 160 2.37 20.51 4.39
CA ASP E 160 2.34 20.10 3.00
C ASP E 160 2.75 18.63 2.93
N LEU E 161 1.91 17.81 2.29
CA LEU E 161 2.13 16.38 2.20
C LEU E 161 1.89 15.86 0.78
N HIS E 162 1.82 16.75 -0.20
CA HIS E 162 1.37 16.35 -1.53
C HIS E 162 2.40 15.43 -2.19
N SER E 163 1.90 14.66 -3.17
CA SER E 163 2.71 13.72 -3.95
C SER E 163 3.38 12.67 -3.06
N ASN E 164 2.69 12.27 -2.00
CA ASN E 164 3.08 11.13 -1.19
C ASN E 164 2.25 9.91 -1.58
N VAL E 165 2.44 8.81 -0.86
CA VAL E 165 1.74 7.56 -1.14
C VAL E 165 0.79 7.23 0.01
N LEU E 166 0.26 8.27 0.66
CA LEU E 166 -0.58 8.08 1.84
C LEU E 166 -1.85 7.33 1.50
N MET E 167 -2.15 6.30 2.28
CA MET E 167 -3.32 5.46 2.09
C MET E 167 -4.21 5.39 3.32
N ASP E 168 -3.63 5.30 4.51
CA ASP E 168 -4.37 5.16 5.75
C ASP E 168 -4.05 6.33 6.67
N ILE E 169 -5.09 6.86 7.32
CA ILE E 169 -4.96 7.95 8.28
C ILE E 169 -5.86 7.65 9.46
N GLU E 170 -5.27 7.49 10.64
CA GLU E 170 -6.04 7.14 11.84
C GLU E 170 -7.00 8.26 12.21
N ASP E 171 -7.86 7.98 13.17
CA ASP E 171 -8.90 8.93 13.56
C ASP E 171 -8.31 10.22 14.11
N GLY E 172 -7.26 10.12 14.94
CA GLY E 172 -6.71 11.29 15.58
C GLY E 172 -5.28 11.60 15.21
N ALA E 173 -4.94 11.48 13.93
CA ALA E 173 -3.57 11.77 13.49
C ALA E 173 -3.24 13.25 13.65
N PHE E 174 -4.18 14.14 13.36
CA PHE E 174 -4.00 15.57 13.50
C PHE E 174 -4.49 16.09 14.84
N GLU E 175 -4.57 15.22 15.86
CA GLU E 175 -5.09 15.64 17.16
C GLU E 175 -4.17 16.67 17.81
N GLY E 176 -2.86 16.50 17.67
CA GLY E 176 -1.89 17.41 18.25
C GLY E 176 -1.66 18.68 17.46
N LEU E 177 -2.47 18.95 16.44
CA LEU E 177 -2.35 20.15 15.60
C LEU E 177 -3.66 20.93 15.72
N PRO E 178 -3.87 21.65 16.82
CA PRO E 178 -5.09 22.45 16.96
C PRO E 178 -5.08 23.75 16.18
N ARG E 179 -4.01 24.03 15.43
CA ARG E 179 -3.92 25.25 14.64
C ARG E 179 -3.49 25.00 13.20
N LEU E 180 -3.66 23.77 12.69
CA LEU E 180 -3.40 23.50 11.28
C LEU E 180 -4.54 24.05 10.44
N THR E 181 -4.20 24.89 9.46
CA THR E 181 -5.20 25.53 8.61
C THR E 181 -5.09 25.16 7.14
N HIS E 182 -3.89 24.95 6.62
CA HIS E 182 -3.68 24.51 5.25
C HIS E 182 -3.20 23.07 5.25
N LEU E 183 -3.92 22.21 4.54
CA LEU E 183 -3.58 20.79 4.47
C LEU E 183 -3.69 20.37 3.01
N ASN E 184 -2.54 20.13 2.38
CA ASN E 184 -2.47 19.79 0.97
C ASN E 184 -2.17 18.30 0.87
N LEU E 185 -3.18 17.52 0.49
CA LEU E 185 -3.06 16.07 0.32
C LEU E 185 -3.26 15.69 -1.13
N SER E 186 -2.65 16.44 -2.04
CA SER E 186 -2.81 16.18 -3.46
C SER E 186 -2.00 14.96 -3.89
N ARG E 187 -2.48 14.31 -4.94
CA ARG E 187 -1.77 13.22 -5.60
C ARG E 187 -1.37 12.13 -4.60
N ASN E 188 -2.32 11.72 -3.78
CA ASN E 188 -2.14 10.65 -2.81
C ASN E 188 -3.03 9.47 -3.17
N SER E 189 -2.83 8.36 -2.46
CA SER E 189 -3.49 7.10 -2.74
C SER E 189 -4.67 6.81 -1.81
N LEU E 190 -5.30 7.85 -1.28
CA LEU E 190 -6.46 7.66 -0.43
C LEU E 190 -7.64 7.12 -1.22
N THR E 191 -8.44 6.28 -0.57
CA THR E 191 -9.56 5.59 -1.21
C THR E 191 -10.92 5.92 -0.61
N CYS E 192 -11.04 5.95 0.71
CA CYS E 192 -12.33 6.17 1.35
C CYS E 192 -12.14 7.03 2.58
N ILE E 193 -12.87 8.14 2.64
CA ILE E 193 -12.85 9.06 3.77
C ILE E 193 -14.10 8.80 4.59
N SER E 194 -13.92 8.24 5.79
CA SER E 194 -15.04 7.84 6.63
C SER E 194 -15.44 8.91 7.64
N ASP E 195 -14.56 9.86 7.96
CA ASP E 195 -14.89 10.91 8.92
C ASP E 195 -14.06 12.13 8.60
N PHE E 196 -14.51 13.27 9.13
CA PHE E 196 -13.77 14.53 8.98
C PHE E 196 -14.22 15.45 10.11
N SER E 197 -13.31 15.76 11.03
CA SER E 197 -13.68 16.60 12.17
C SER E 197 -12.63 17.65 12.51
N LEU E 198 -11.81 18.06 11.54
CA LEU E 198 -10.83 19.11 11.76
C LEU E 198 -11.55 20.45 11.86
N GLN E 199 -11.84 20.90 13.08
CA GLN E 199 -12.74 22.02 13.28
C GLN E 199 -12.20 23.31 12.67
N GLN E 200 -10.92 23.60 12.88
CA GLN E 200 -10.37 24.89 12.50
C GLN E 200 -9.64 24.85 11.16
N LEU E 201 -9.61 23.71 10.48
CA LEU E 201 -9.00 23.62 9.17
C LEU E 201 -9.72 24.56 8.19
N ARG E 202 -8.95 25.22 7.33
CA ARG E 202 -9.48 26.19 6.40
C ARG E 202 -9.37 25.77 4.94
N VAL E 203 -8.35 25.00 4.57
CA VAL E 203 -8.16 24.55 3.20
C VAL E 203 -7.87 23.05 3.23
N LEU E 204 -8.60 22.32 2.39
CA LEU E 204 -8.41 20.87 2.26
C LEU E 204 -8.37 20.53 0.79
N ASP E 205 -7.25 19.96 0.34
CA ASP E 205 -7.06 19.61 -1.06
C ASP E 205 -6.90 18.11 -1.16
N LEU E 206 -7.84 17.46 -1.84
CA LEU E 206 -7.85 16.01 -2.01
C LEU E 206 -7.97 15.64 -3.48
N SER E 207 -7.19 16.31 -4.32
CA SER E 207 -7.27 16.09 -5.75
C SER E 207 -6.36 14.95 -6.18
N CYS E 208 -6.64 14.41 -7.36
CA CYS E 208 -5.81 13.38 -7.99
C CYS E 208 -5.67 12.15 -7.10
N ASN E 209 -6.67 11.90 -6.27
CA ASN E 209 -6.74 10.74 -5.39
C ASN E 209 -7.67 9.70 -6.00
N SER E 210 -7.82 8.57 -5.30
CA SER E 210 -8.70 7.48 -5.72
C SER E 210 -9.95 7.42 -4.85
N ILE E 211 -10.40 8.56 -4.34
CA ILE E 211 -11.48 8.58 -3.35
C ILE E 211 -12.79 8.20 -4.04
N GLU E 212 -13.40 7.11 -3.57
CA GLU E 212 -14.70 6.67 -4.10
C GLU E 212 -15.87 7.14 -3.26
N ALA E 213 -15.63 7.58 -2.03
CA ALA E 213 -16.70 8.02 -1.15
C ALA E 213 -16.15 9.04 -0.16
N PHE E 214 -16.94 10.07 0.12
CA PHE E 214 -16.57 11.13 1.04
C PHE E 214 -17.70 11.35 2.03
N GLN E 215 -17.44 11.07 3.31
CA GLN E 215 -18.40 11.32 4.37
C GLN E 215 -17.77 12.21 5.42
N THR E 216 -18.55 13.13 5.96
CA THR E 216 -18.12 14.05 7.00
C THR E 216 -18.73 13.67 8.34
N ALA E 217 -18.27 14.35 9.39
CA ALA E 217 -18.80 14.11 10.72
C ALA E 217 -20.22 14.64 10.84
N SER E 218 -21.01 13.97 11.67
CA SER E 218 -22.40 14.32 11.88
C SER E 218 -22.59 15.03 13.21
N GLN E 219 -23.25 16.18 13.17
CA GLN E 219 -23.61 16.98 14.34
C GLN E 219 -22.38 17.37 15.15
N PRO E 220 -21.53 18.25 14.65
CA PRO E 220 -20.40 18.74 15.45
C PRO E 220 -20.85 19.81 16.44
N GLN E 221 -19.97 20.06 17.41
CA GLN E 221 -20.25 21.07 18.42
C GLN E 221 -20.31 22.47 17.81
N ALA E 222 -19.38 22.77 16.89
CA ALA E 222 -19.32 24.07 16.24
C ALA E 222 -19.10 23.88 14.74
N GLU E 223 -19.49 24.90 13.98
CA GLU E 223 -19.35 24.84 12.53
C GLU E 223 -17.87 24.76 12.13
N PHE E 224 -17.58 23.94 11.13
CA PHE E 224 -16.22 23.82 10.64
C PHE E 224 -15.85 25.06 9.82
N GLN E 225 -14.55 25.30 9.72
CA GLN E 225 -14.03 26.49 9.05
C GLN E 225 -13.53 26.20 7.64
N LEU E 226 -13.78 25.01 7.11
CA LEU E 226 -13.36 24.69 5.75
C LEU E 226 -14.03 25.62 4.75
N THR E 227 -13.23 26.19 3.85
CA THR E 227 -13.75 27.03 2.78
C THR E 227 -13.19 26.66 1.42
N TRP E 228 -12.55 25.49 1.30
CA TRP E 228 -11.91 25.11 0.04
C TRP E 228 -11.80 23.58 0.01
N LEU E 229 -12.62 22.95 -0.83
CA LEU E 229 -12.56 21.52 -1.05
C LEU E 229 -12.20 21.26 -2.51
N ASP E 230 -11.32 20.29 -2.74
CA ASP E 230 -10.79 20.02 -4.07
C ASP E 230 -10.89 18.51 -4.30
N LEU E 231 -12.01 18.06 -4.85
CA LEU E 231 -12.23 16.65 -5.13
C LEU E 231 -12.11 16.33 -6.63
N ARG E 232 -11.50 17.22 -7.39
CA ARG E 232 -11.34 17.02 -8.82
C ARG E 232 -10.52 15.77 -9.11
N GLU E 233 -10.84 15.13 -10.24
CA GLU E 233 -10.10 13.96 -10.74
C GLU E 233 -10.06 12.84 -9.71
N ASN E 234 -11.16 12.63 -9.02
CA ASN E 234 -11.37 11.49 -8.13
C ASN E 234 -12.34 10.51 -8.78
N LYS E 235 -12.71 9.47 -8.03
CA LYS E 235 -13.59 8.43 -8.52
C LYS E 235 -14.93 8.42 -7.79
N LEU E 236 -15.40 9.60 -7.37
CA LEU E 236 -16.66 9.70 -6.65
C LEU E 236 -17.83 9.27 -7.52
N LEU E 237 -18.81 8.60 -6.90
CA LEU E 237 -20.02 8.19 -7.58
C LEU E 237 -21.26 8.93 -7.10
N HIS E 238 -21.18 9.67 -6.01
CA HIS E 238 -22.29 10.44 -5.47
C HIS E 238 -21.84 11.86 -5.20
N PHE E 239 -22.80 12.78 -5.20
CA PHE E 239 -22.54 14.12 -4.73
C PHE E 239 -22.40 14.08 -3.22
N PRO E 240 -21.29 14.54 -2.64
CA PRO E 240 -21.06 14.33 -1.21
C PRO E 240 -22.07 15.09 -0.36
N ASP E 241 -22.37 14.51 0.81
CA ASP E 241 -23.22 15.17 1.79
C ASP E 241 -22.40 16.26 2.46
N LEU E 242 -22.74 17.52 2.18
CA LEU E 242 -22.03 18.67 2.74
C LEU E 242 -22.95 19.52 3.62
N ALA E 243 -23.92 18.87 4.28
CA ALA E 243 -24.84 19.62 5.14
C ALA E 243 -24.14 20.19 6.36
N ALA E 244 -22.99 19.63 6.74
CA ALA E 244 -22.25 20.07 7.91
C ALA E 244 -21.07 20.97 7.57
N LEU E 245 -21.02 21.48 6.33
CA LEU E 245 -19.94 22.35 5.87
C LEU E 245 -20.54 23.65 5.35
N PRO E 246 -21.06 24.49 6.24
CA PRO E 246 -21.75 25.72 5.79
C PRO E 246 -20.86 26.69 5.04
N ARG E 247 -19.57 26.77 5.38
CA ARG E 247 -18.70 27.82 4.85
C ARG E 247 -17.82 27.34 3.71
N LEU E 248 -18.06 26.15 3.17
CA LEU E 248 -17.38 25.70 1.98
C LEU E 248 -17.77 26.59 0.81
N ILE E 249 -16.79 27.28 0.23
CA ILE E 249 -17.04 28.29 -0.81
C ILE E 249 -16.72 27.75 -2.19
N TYR E 250 -15.52 27.25 -2.39
CA TYR E 250 -15.09 26.71 -3.67
C TYR E 250 -15.19 25.19 -3.63
N LEU E 251 -15.70 24.61 -4.72
CA LEU E 251 -15.92 23.17 -4.77
C LEU E 251 -15.71 22.68 -6.20
N ASN E 252 -14.60 22.01 -6.43
CA ASN E 252 -14.37 21.20 -7.63
C ASN E 252 -14.84 19.77 -7.39
N LEU E 253 -15.77 19.32 -8.23
CA LEU E 253 -16.10 17.90 -8.34
C LEU E 253 -15.95 17.40 -9.77
N SER E 254 -15.15 18.09 -10.58
CA SER E 254 -15.01 17.76 -11.99
C SER E 254 -14.27 16.44 -12.17
N ASN E 255 -14.39 15.90 -13.39
CA ASN E 255 -13.69 14.68 -13.79
C ASN E 255 -13.94 13.53 -12.82
N ASN E 256 -15.21 13.37 -12.43
CA ASN E 256 -15.62 12.27 -11.55
C ASN E 256 -16.68 11.43 -12.24
N LEU E 257 -17.27 10.48 -11.51
CA LEU E 257 -18.26 9.56 -12.06
C LEU E 257 -19.64 9.80 -11.47
N ILE E 258 -19.87 10.96 -10.88
CA ILE E 258 -21.14 11.26 -10.23
C ILE E 258 -22.29 11.09 -11.22
N ARG E 259 -23.35 10.41 -10.77
CA ARG E 259 -24.59 10.28 -11.53
C ARG E 259 -25.73 10.78 -10.63
N LEU E 260 -26.10 12.04 -10.79
CA LEU E 260 -27.18 12.62 -10.01
C LEU E 260 -28.50 11.92 -10.30
N PRO E 261 -29.20 11.49 -9.24
CA PRO E 261 -30.47 10.77 -9.38
N ILE E 271 -24.90 7.04 0.45
CA ILE E 271 -23.50 7.01 0.06
C ILE E 271 -22.96 5.59 0.16
N HIS E 272 -22.16 5.19 -0.84
CA HIS E 272 -21.60 3.85 -0.87
C HIS E 272 -20.33 3.87 -1.71
N ALA E 273 -19.47 2.87 -1.46
CA ALA E 273 -18.25 2.66 -2.23
C ALA E 273 -18.28 1.23 -2.74
N PRO E 274 -18.93 0.99 -3.89
CA PRO E 274 -19.12 -0.40 -4.35
C PRO E 274 -17.82 -1.15 -4.57
N SER E 275 -16.77 -0.48 -5.06
CA SER E 275 -15.49 -1.15 -5.22
C SER E 275 -14.89 -1.53 -3.87
N GLU E 276 -15.30 -0.86 -2.80
CA GLU E 276 -14.90 -1.23 -1.44
C GLU E 276 -15.97 -2.02 -0.72
N GLY E 277 -17.23 -1.64 -0.85
CA GLY E 277 -18.30 -2.24 -0.09
C GLY E 277 -18.66 -1.51 1.18
N TRP E 278 -18.20 -0.27 1.35
CA TRP E 278 -18.45 0.51 2.56
C TRP E 278 -19.65 1.41 2.36
N SER E 279 -20.54 1.44 3.35
CA SER E 279 -21.69 2.33 3.33
C SER E 279 -22.08 2.64 4.77
N ALA E 280 -21.86 3.87 5.20
CA ALA E 280 -22.16 4.27 6.57
C ALA E 280 -22.70 5.69 6.63
N ARG E 293 -30.31 24.65 4.47
CA ARG E 293 -29.39 25.19 3.48
C ARG E 293 -28.05 24.44 3.52
N PRO E 294 -28.02 23.24 2.93
CA PRO E 294 -26.77 22.45 2.97
C PRO E 294 -25.59 23.14 2.30
N LEU E 295 -25.80 23.89 1.23
CA LEU E 295 -24.75 24.51 0.45
C LEU E 295 -25.05 25.99 0.22
N SER E 296 -25.41 26.69 1.30
CA SER E 296 -25.89 28.07 1.18
C SER E 296 -24.81 28.99 0.62
N GLN E 297 -23.59 28.90 1.13
CA GLN E 297 -22.54 29.84 0.78
C GLN E 297 -21.53 29.28 -0.21
N LEU E 298 -21.82 28.14 -0.84
CA LEU E 298 -20.99 27.64 -1.92
C LEU E 298 -21.08 28.61 -3.09
N LEU E 299 -19.92 29.01 -3.63
CA LEU E 299 -19.85 30.00 -4.68
C LEU E 299 -19.48 29.41 -6.04
N ASN E 300 -18.39 28.65 -6.11
CA ASN E 300 -17.87 28.13 -7.37
C ASN E 300 -18.09 26.63 -7.41
N LEU E 301 -19.13 26.19 -8.12
CA LEU E 301 -19.41 24.77 -8.32
C LEU E 301 -18.94 24.36 -9.70
N ASP E 302 -18.31 23.19 -9.78
CA ASP E 302 -17.77 22.67 -11.03
C ASP E 302 -18.16 21.19 -11.14
N LEU E 303 -19.27 20.93 -11.83
CA LEU E 303 -19.73 19.57 -12.09
C LEU E 303 -19.42 19.13 -13.52
N SER E 304 -18.33 19.63 -14.10
CA SER E 304 -17.92 19.22 -15.43
C SER E 304 -17.39 17.80 -15.42
N TYR E 305 -17.41 17.18 -16.60
CA TYR E 305 -16.87 15.84 -16.82
C TYR E 305 -17.38 14.85 -15.78
N ASN E 306 -18.69 14.66 -15.78
CA ASN E 306 -19.35 13.67 -14.95
C ASN E 306 -20.30 12.86 -15.82
N GLU E 307 -21.01 11.92 -15.19
CA GLU E 307 -21.95 11.05 -15.88
C GLU E 307 -23.40 11.47 -15.63
N ILE E 308 -23.61 12.74 -15.27
CA ILE E 308 -24.94 13.21 -14.95
C ILE E 308 -25.82 13.15 -16.19
N GLU E 309 -27.03 12.60 -16.04
CA GLU E 309 -28.00 12.50 -17.12
C GLU E 309 -29.26 13.31 -16.86
N LEU E 310 -29.56 13.64 -15.61
CA LEU E 310 -30.74 14.43 -15.29
C LEU E 310 -30.49 15.17 -13.99
N ILE E 311 -31.11 16.34 -13.86
CA ILE E 311 -31.01 17.17 -12.67
C ILE E 311 -32.36 17.11 -11.94
N PRO E 312 -32.44 16.49 -10.77
CA PRO E 312 -33.66 16.60 -9.96
C PRO E 312 -33.90 18.04 -9.55
N ASP E 313 -35.18 18.40 -9.41
CA ASP E 313 -35.55 19.79 -9.15
C ASP E 313 -34.98 20.28 -7.83
N SER E 314 -35.01 19.42 -6.80
CA SER E 314 -34.52 19.83 -5.49
C SER E 314 -33.02 20.10 -5.47
N PHE E 315 -32.26 19.55 -6.43
CA PHE E 315 -30.82 19.74 -6.42
C PHE E 315 -30.45 21.20 -6.68
N LEU E 316 -31.15 21.85 -7.60
CA LEU E 316 -30.85 23.24 -7.91
C LEU E 316 -31.47 24.22 -6.92
N GLU E 317 -32.40 23.77 -6.09
CA GLU E 317 -33.01 24.65 -5.10
C GLU E 317 -32.04 24.98 -3.97
N HIS E 318 -31.14 24.05 -3.66
CA HIS E 318 -30.21 24.26 -2.55
C HIS E 318 -29.10 25.24 -2.92
N LEU E 319 -28.69 25.28 -4.18
CA LEU E 319 -27.55 26.10 -4.60
C LEU E 319 -27.96 27.56 -4.77
N THR E 320 -28.50 28.13 -3.70
CA THR E 320 -28.83 29.54 -3.67
C THR E 320 -27.55 30.36 -3.53
N SER E 321 -27.55 31.53 -4.16
CA SER E 321 -26.43 32.46 -4.19
C SER E 321 -25.18 31.89 -4.86
N LEU E 322 -25.28 30.70 -5.46
CA LEU E 322 -24.20 30.18 -6.28
C LEU E 322 -24.04 31.07 -7.50
N CYS E 323 -22.80 31.44 -7.81
CA CYS E 323 -22.54 32.44 -8.84
C CYS E 323 -22.15 31.84 -10.17
N PHE E 324 -21.07 31.05 -10.20
CA PHE E 324 -20.52 30.52 -11.44
C PHE E 324 -20.71 29.01 -11.44
N LEU E 325 -21.55 28.51 -12.35
CA LEU E 325 -21.89 27.10 -12.45
C LEU E 325 -21.43 26.57 -13.80
N ASN E 326 -20.59 25.54 -13.78
CA ASN E 326 -20.10 24.90 -15.00
C ASN E 326 -20.62 23.47 -15.05
N LEU E 327 -21.13 23.07 -16.23
CA LEU E 327 -21.68 21.74 -16.40
C LEU E 327 -21.28 21.11 -17.73
N SER E 328 -20.20 21.57 -18.34
CA SER E 328 -19.82 21.10 -19.67
C SER E 328 -19.34 19.65 -19.63
N ARG E 329 -19.29 19.05 -20.82
CA ARG E 329 -18.85 17.66 -21.01
C ARG E 329 -19.63 16.69 -20.13
N ASN E 330 -20.86 17.05 -19.82
CA ASN E 330 -21.82 16.13 -19.22
C ASN E 330 -22.78 15.66 -20.31
N CYS E 331 -23.28 14.43 -20.17
CA CYS E 331 -24.21 13.87 -21.12
C CYS E 331 -25.66 14.15 -20.75
N LEU E 332 -25.90 15.25 -20.04
CA LEU E 332 -27.25 15.72 -19.77
C LEU E 332 -27.99 15.99 -21.08
N ARG E 333 -29.30 15.73 -21.06
CA ARG E 333 -30.12 15.86 -22.26
C ARG E 333 -31.25 16.88 -22.13
N THR E 334 -31.50 17.41 -20.95
CA THR E 334 -32.55 18.40 -20.75
C THR E 334 -32.20 19.24 -19.55
N PHE E 335 -32.35 20.56 -19.67
CA PHE E 335 -32.00 21.49 -18.59
C PHE E 335 -33.12 22.53 -18.51
N GLU E 336 -33.83 22.55 -17.39
CA GLU E 336 -34.93 23.49 -17.17
C GLU E 336 -34.80 24.13 -15.81
N ALA E 337 -35.33 25.35 -15.69
CA ALA E 337 -35.33 26.10 -14.43
C ALA E 337 -36.66 26.85 -14.35
N ARG E 338 -37.64 26.24 -13.69
CA ARG E 338 -38.97 26.83 -13.57
C ARG E 338 -39.20 27.53 -12.23
N ARG E 339 -38.36 27.27 -11.23
CA ARG E 339 -38.55 27.87 -9.92
C ARG E 339 -38.28 29.37 -9.98
N LEU E 340 -39.17 30.15 -9.37
CA LEU E 340 -39.01 31.59 -9.33
C LEU E 340 -37.89 31.97 -8.37
N GLY E 341 -36.95 32.79 -8.86
CA GLY E 341 -35.82 33.19 -8.06
C GLY E 341 -34.71 32.15 -7.97
N SER E 342 -34.82 31.03 -8.68
CA SER E 342 -33.79 30.01 -8.63
C SER E 342 -32.52 30.50 -9.30
N LEU E 343 -31.38 30.20 -8.68
CA LEU E 343 -30.08 30.66 -9.12
C LEU E 343 -30.09 32.17 -9.38
N PRO E 344 -30.49 32.97 -8.39
CA PRO E 344 -30.75 34.40 -8.67
C PRO E 344 -29.55 35.18 -9.15
N CYS E 345 -28.35 34.86 -8.67
CA CYS E 345 -27.15 35.61 -9.01
C CYS E 345 -26.17 34.83 -9.87
N LEU E 346 -26.68 33.91 -10.69
CA LEU E 346 -25.83 33.08 -11.55
C LEU E 346 -25.23 33.96 -12.63
N MET E 347 -23.95 34.32 -12.48
CA MET E 347 -23.31 35.20 -13.45
C MET E 347 -22.92 34.46 -14.73
N LEU E 348 -22.55 33.19 -14.61
CA LEU E 348 -22.13 32.40 -15.75
C LEU E 348 -22.81 31.03 -15.69
N LEU E 349 -23.11 30.48 -16.88
CA LEU E 349 -23.71 29.15 -16.99
C LEU E 349 -23.00 28.43 -18.14
N ASP E 350 -21.95 27.69 -17.81
CA ASP E 350 -21.23 26.88 -18.78
C ASP E 350 -21.92 25.52 -18.87
N LEU E 351 -22.34 25.15 -20.08
CA LEU E 351 -23.11 23.94 -20.29
C LEU E 351 -22.73 23.21 -21.57
N SER E 352 -21.71 23.67 -22.29
CA SER E 352 -21.44 23.22 -23.64
C SER E 352 -21.13 21.72 -23.70
N HIS E 353 -21.16 21.20 -24.92
CA HIS E 353 -20.80 19.81 -25.22
C HIS E 353 -21.63 18.81 -24.42
N ASN E 354 -22.93 19.06 -24.36
CA ASN E 354 -23.92 18.09 -23.93
C ASN E 354 -24.61 17.53 -25.16
N ALA E 355 -25.66 16.73 -24.93
CA ALA E 355 -26.47 16.17 -26.00
C ALA E 355 -27.90 16.70 -25.93
N LEU E 356 -28.04 18.01 -25.69
CA LEU E 356 -29.35 18.60 -25.43
C LEU E 356 -30.26 18.51 -26.65
N GLU E 357 -31.53 18.23 -26.38
CA GLU E 357 -32.61 18.34 -27.36
C GLU E 357 -33.49 19.54 -27.12
N THR E 358 -33.77 19.86 -25.85
CA THR E 358 -34.65 20.97 -25.50
C THR E 358 -34.09 21.68 -24.28
N LEU E 359 -34.53 22.93 -24.10
CA LEU E 359 -34.16 23.72 -22.94
C LEU E 359 -35.25 24.75 -22.69
N GLU E 360 -35.51 25.03 -21.41
CA GLU E 360 -36.57 25.94 -21.01
C GLU E 360 -36.03 26.90 -19.97
N LEU E 361 -36.21 28.20 -20.20
CA LEU E 361 -35.79 29.23 -19.26
C LEU E 361 -37.02 30.00 -18.78
N GLY E 362 -37.20 30.05 -17.46
CA GLY E 362 -38.32 30.78 -16.91
C GLY E 362 -38.06 32.27 -16.91
N ALA E 363 -39.15 33.04 -17.05
CA ALA E 363 -39.05 34.50 -17.02
C ALA E 363 -38.69 34.97 -15.63
N ARG E 364 -37.78 35.95 -15.56
CA ARG E 364 -37.31 36.54 -14.30
C ARG E 364 -36.77 35.47 -13.36
N ALA E 365 -36.07 34.48 -13.93
CA ALA E 365 -35.44 33.42 -13.15
C ALA E 365 -33.91 33.56 -13.16
N LEU E 366 -33.29 33.51 -14.33
CA LEU E 366 -31.86 33.79 -14.45
C LEU E 366 -31.65 35.26 -14.81
N GLY E 367 -32.14 36.12 -13.92
CA GLY E 367 -32.16 37.55 -14.21
C GLY E 367 -30.78 38.16 -14.30
N SER E 368 -29.84 37.68 -13.47
CA SER E 368 -28.48 38.21 -13.43
C SER E 368 -27.52 37.41 -14.30
N LEU E 369 -28.05 36.62 -15.23
CA LEU E 369 -27.20 35.78 -16.08
C LEU E 369 -26.57 36.65 -17.16
N ARG E 370 -25.25 36.78 -17.10
CA ARG E 370 -24.50 37.62 -18.04
C ARG E 370 -23.84 36.83 -19.15
N THR E 371 -23.51 35.56 -18.92
CA THR E 371 -22.86 34.72 -19.91
C THR E 371 -23.55 33.37 -19.96
N LEU E 372 -23.62 32.78 -21.16
CA LEU E 372 -24.26 31.49 -21.35
C LEU E 372 -23.50 30.71 -22.41
N LEU E 373 -22.80 29.66 -22.02
CA LEU E 373 -22.17 28.74 -22.94
C LEU E 373 -23.15 27.63 -23.28
N LEU E 374 -23.43 27.45 -24.58
CA LEU E 374 -24.45 26.51 -25.01
C LEU E 374 -24.01 25.71 -26.24
N GLN E 375 -22.77 25.88 -26.69
CA GLN E 375 -22.30 25.28 -27.92
C GLN E 375 -22.14 23.77 -27.77
N GLY E 376 -21.74 23.13 -28.86
CA GLY E 376 -21.47 21.70 -28.87
C GLY E 376 -22.67 20.81 -28.66
N ASN E 377 -23.87 21.37 -28.67
CA ASN E 377 -25.10 20.61 -28.44
C ASN E 377 -25.81 20.35 -29.76
N ALA E 378 -27.03 19.81 -29.67
CA ALA E 378 -27.83 19.43 -30.83
C ALA E 378 -29.23 20.01 -30.73
N LEU E 379 -29.32 21.31 -30.44
CA LEU E 379 -30.60 21.97 -30.35
C LEU E 379 -31.27 22.05 -31.71
N ARG E 380 -32.58 21.79 -31.74
CA ARG E 380 -33.35 21.88 -32.98
C ARG E 380 -34.43 22.94 -32.95
N ASP E 381 -35.30 22.90 -31.94
CA ASP E 381 -36.42 23.84 -31.85
C ASP E 381 -36.44 24.48 -30.47
N LEU E 382 -36.73 25.78 -30.44
CA LEU E 382 -36.78 26.55 -29.22
C LEU E 382 -37.91 27.56 -29.31
N PRO E 383 -38.45 28.00 -28.17
CA PRO E 383 -39.42 29.09 -28.20
C PRO E 383 -38.79 30.35 -28.74
N PRO E 384 -39.59 31.22 -29.36
CA PRO E 384 -39.02 32.45 -29.94
C PRO E 384 -38.31 33.34 -28.94
N TYR E 385 -38.77 33.37 -27.69
CA TYR E 385 -38.19 34.22 -26.65
C TYR E 385 -37.36 33.41 -25.66
N THR E 386 -36.68 32.37 -26.14
CA THR E 386 -35.92 31.51 -25.23
C THR E 386 -34.70 32.22 -24.67
N PHE E 387 -34.06 33.09 -25.46
CA PHE E 387 -32.95 33.90 -24.99
C PHE E 387 -33.32 35.35 -24.77
N ALA E 388 -34.58 35.73 -25.03
CA ALA E 388 -34.98 37.13 -24.90
C ALA E 388 -35.18 37.52 -23.44
N ASN E 389 -35.70 36.61 -22.62
CA ASN E 389 -36.02 36.94 -21.23
C ASN E 389 -34.80 37.17 -20.36
N LEU E 390 -33.60 36.79 -20.81
CA LEU E 390 -32.38 37.02 -20.05
C LEU E 390 -32.15 38.51 -19.94
N ALA E 391 -32.28 39.05 -18.72
CA ALA E 391 -32.26 40.50 -18.53
C ALA E 391 -30.92 41.11 -18.90
N SER E 392 -29.82 40.45 -18.52
CA SER E 392 -28.49 41.05 -18.69
C SER E 392 -27.51 40.08 -19.35
N LEU E 393 -27.99 39.25 -20.26
CA LEU E 393 -27.10 38.37 -21.02
C LEU E 393 -26.19 39.21 -21.91
N GLN E 394 -24.89 38.91 -21.90
CA GLN E 394 -23.92 39.64 -22.70
C GLN E 394 -23.22 38.75 -23.72
N ARG E 395 -22.70 37.60 -23.30
CA ARG E 395 -21.96 36.69 -24.16
C ARG E 395 -22.75 35.40 -24.31
N LEU E 396 -22.91 34.93 -25.54
CA LEU E 396 -23.66 33.72 -25.83
C LEU E 396 -23.01 32.99 -26.98
N ASN E 397 -22.40 31.84 -26.70
CA ASN E 397 -21.85 30.96 -27.72
C ASN E 397 -22.86 29.86 -28.00
N LEU E 398 -23.20 29.68 -29.28
CA LEU E 398 -24.18 28.69 -29.70
C LEU E 398 -23.66 27.97 -30.94
N GLN E 399 -22.38 27.60 -30.92
CA GLN E 399 -21.72 27.06 -32.08
C GLN E 399 -22.04 25.58 -32.28
N GLY E 400 -22.12 25.16 -33.53
CA GLY E 400 -22.28 23.76 -33.89
C GLY E 400 -23.57 23.12 -33.39
N ASN E 401 -24.69 23.81 -33.58
CA ASN E 401 -25.95 23.38 -33.01
C ASN E 401 -27.11 23.28 -33.99
N ARG E 402 -27.02 23.88 -35.18
CA ARG E 402 -28.11 23.90 -36.16
C ARG E 402 -29.35 24.59 -35.57
N VAL E 403 -29.20 25.88 -35.29
CA VAL E 403 -30.28 26.71 -34.77
C VAL E 403 -30.54 27.83 -35.77
N SER E 404 -31.80 27.99 -36.16
CA SER E 404 -32.20 28.97 -37.15
C SER E 404 -32.93 30.14 -36.49
N PRO E 405 -32.59 31.38 -36.82
CA PRO E 405 -33.24 32.57 -36.26
C PRO E 405 -34.69 32.71 -36.73
N ALA E 419 -35.51 34.00 -31.99
CA ALA E 419 -35.53 35.42 -32.30
C ALA E 419 -34.36 36.14 -31.65
N PHE E 420 -33.49 36.73 -32.46
CA PHE E 420 -32.33 37.45 -31.96
C PHE E 420 -32.57 38.96 -31.97
N ILE E 423 -32.75 41.18 -27.89
CA ILE E 423 -31.99 41.27 -26.65
C ILE E 423 -31.18 42.55 -26.63
N THR E 424 -31.61 43.50 -25.79
CA THR E 424 -30.97 44.81 -25.71
C THR E 424 -29.59 44.76 -25.05
N SER E 425 -29.23 43.65 -24.41
CA SER E 425 -28.00 43.56 -23.64
C SER E 425 -26.96 42.63 -24.24
N LEU E 426 -27.33 41.78 -25.18
CA LEU E 426 -26.39 40.80 -25.73
C LEU E 426 -25.30 41.52 -26.51
N ARG E 427 -24.04 41.12 -26.29
CA ARG E 427 -22.89 41.79 -26.87
C ARG E 427 -22.13 40.93 -27.86
N SER E 428 -21.78 39.70 -27.49
CA SER E 428 -20.99 38.82 -28.33
C SER E 428 -21.83 37.59 -28.70
N LEU E 429 -21.83 37.24 -29.99
CA LEU E 429 -22.63 36.15 -30.50
C LEU E 429 -21.80 35.29 -31.43
N SER E 430 -22.13 34.00 -31.49
CA SER E 430 -21.40 33.04 -32.32
C SER E 430 -22.38 31.96 -32.78
N LEU E 431 -22.89 32.12 -34.00
CA LEU E 431 -23.75 31.13 -34.64
C LEU E 431 -22.96 30.30 -35.65
N VAL E 432 -21.69 30.07 -35.35
CA VAL E 432 -20.81 29.36 -36.27
C VAL E 432 -21.26 27.90 -36.38
N ASP E 433 -21.14 27.34 -37.59
CA ASP E 433 -21.45 25.94 -37.86
C ASP E 433 -22.88 25.58 -37.45
N ASN E 434 -23.83 26.44 -37.78
CA ASN E 434 -25.23 26.19 -37.52
C ASN E 434 -25.99 25.72 -38.75
N GLU E 435 -25.27 25.39 -39.83
CA GLU E 435 -25.87 24.89 -41.07
C GLU E 435 -26.97 25.83 -41.58
N ILE E 436 -26.72 27.13 -41.46
CA ILE E 436 -27.72 28.11 -41.80
C ILE E 436 -27.79 28.30 -43.30
N GLU E 437 -28.98 28.64 -43.80
CA GLU E 437 -29.20 28.87 -45.22
C GLU E 437 -29.68 30.27 -45.51
N LEU E 438 -30.70 30.75 -44.80
CA LEU E 438 -31.27 32.07 -45.03
C LEU E 438 -31.28 32.84 -43.72
N LEU E 439 -30.79 34.08 -43.76
CA LEU E 439 -30.83 34.99 -42.62
C LEU E 439 -31.83 36.09 -42.93
N ARG E 440 -32.90 36.16 -42.13
CA ARG E 440 -33.95 37.13 -42.37
C ARG E 440 -33.48 38.55 -41.99
N ALA E 441 -34.21 39.54 -42.50
CA ALA E 441 -33.82 40.93 -42.32
C ALA E 441 -33.85 41.34 -40.85
N GLY E 442 -34.89 40.95 -40.14
CA GLY E 442 -35.04 41.33 -38.75
C GLY E 442 -34.27 40.47 -37.78
N ALA E 443 -33.04 40.09 -38.15
CA ALA E 443 -32.25 39.22 -37.30
C ALA E 443 -31.79 39.92 -36.03
N PHE E 444 -31.24 41.13 -36.16
CA PHE E 444 -30.68 41.88 -35.05
C PHE E 444 -31.13 43.33 -35.09
N LEU E 445 -32.44 43.55 -35.28
CA LEU E 445 -32.96 44.91 -35.40
C LEU E 445 -32.76 45.70 -34.10
N HIS E 446 -33.03 45.09 -32.96
CA HIS E 446 -32.97 45.77 -31.67
C HIS E 446 -32.03 45.06 -30.71
N THR E 447 -30.91 44.54 -31.23
CA THR E 447 -29.90 43.88 -30.43
C THR E 447 -28.55 44.53 -30.73
N PRO E 448 -28.15 45.53 -29.95
CA PRO E 448 -26.88 46.22 -30.23
C PRO E 448 -25.68 45.33 -29.99
N LEU E 449 -25.48 44.34 -30.85
CA LEU E 449 -24.34 43.44 -30.73
C LEU E 449 -23.05 44.16 -31.12
N THR E 450 -21.96 43.84 -30.42
CA THR E 450 -20.66 44.38 -30.75
C THR E 450 -19.77 43.39 -31.50
N GLU E 451 -19.90 42.10 -31.20
CA GLU E 451 -19.17 41.05 -31.89
C GLU E 451 -20.16 40.04 -32.44
N LEU E 452 -19.93 39.60 -33.67
CA LEU E 452 -20.85 38.67 -34.33
C LEU E 452 -20.06 37.76 -35.24
N ASP E 453 -20.21 36.45 -35.06
CA ASP E 453 -19.54 35.45 -35.87
C ASP E 453 -20.59 34.57 -36.54
N LEU E 454 -20.43 34.36 -37.85
CA LEU E 454 -21.32 33.51 -38.63
C LEU E 454 -20.52 32.61 -39.57
N SER E 455 -19.31 32.23 -39.16
CA SER E 455 -18.40 31.51 -40.03
C SER E 455 -18.89 30.09 -40.31
N SER E 456 -18.29 29.48 -41.34
CA SER E 456 -18.48 28.07 -41.65
C SER E 456 -19.96 27.70 -41.77
N ASN E 457 -20.66 28.42 -42.63
CA ASN E 457 -22.08 28.16 -42.92
C ASN E 457 -22.26 28.11 -44.42
N PRO E 458 -21.92 26.98 -45.05
CA PRO E 458 -22.09 26.86 -46.51
C PRO E 458 -23.56 26.99 -46.91
N GLY E 459 -23.77 27.55 -48.09
CA GLY E 459 -25.13 27.76 -48.58
C GLY E 459 -25.87 28.89 -47.93
N LEU E 460 -25.16 29.84 -47.32
CA LEU E 460 -25.81 30.96 -46.66
C LEU E 460 -26.35 31.95 -47.69
N GLU E 461 -27.61 32.36 -47.51
CA GLU E 461 -28.25 33.36 -48.35
C GLU E 461 -28.63 34.54 -47.46
N VAL E 462 -27.89 35.63 -47.59
CA VAL E 462 -28.12 36.81 -46.76
C VAL E 462 -29.20 37.67 -47.42
N ALA E 463 -30.28 37.92 -46.69
CA ALA E 463 -31.33 38.78 -47.18
C ALA E 463 -30.94 40.25 -47.07
N THR E 464 -31.61 41.09 -47.85
CA THR E 464 -31.35 42.52 -47.82
C THR E 464 -31.72 43.10 -46.46
N GLY E 465 -30.83 43.91 -45.90
CA GLY E 465 -31.07 44.49 -44.59
C GLY E 465 -31.02 43.49 -43.45
N ALA E 466 -30.25 42.41 -43.60
CA ALA E 466 -30.15 41.42 -42.53
C ALA E 466 -29.54 42.03 -41.27
N LEU E 467 -28.49 42.85 -41.43
CA LEU E 467 -27.87 43.54 -40.31
C LEU E 467 -28.59 44.88 -40.11
N GLY E 468 -29.78 44.79 -39.54
CA GLY E 468 -30.67 45.93 -39.41
C GLY E 468 -30.15 47.08 -38.56
N GLY E 469 -29.92 46.82 -37.28
CA GLY E 469 -29.49 47.88 -36.38
C GLY E 469 -28.07 47.73 -35.87
N LEU E 470 -27.25 46.99 -36.58
CA LEU E 470 -25.88 46.71 -36.17
C LEU E 470 -24.88 47.75 -36.67
N GLU E 471 -25.34 48.79 -37.37
CA GLU E 471 -24.41 49.75 -37.95
C GLU E 471 -23.63 50.51 -36.88
N ALA E 472 -24.29 50.87 -35.78
CA ALA E 472 -23.65 51.68 -34.75
C ALA E 472 -23.06 50.86 -33.61
N SER E 473 -23.40 49.58 -33.50
CA SER E 473 -22.95 48.77 -32.38
C SER E 473 -21.87 47.75 -32.74
N LEU E 474 -21.94 47.16 -33.93
CA LEU E 474 -20.97 46.16 -34.32
C LEU E 474 -19.57 46.75 -34.40
N GLU E 475 -18.58 45.99 -33.93
CA GLU E 475 -17.18 46.41 -33.97
C GLU E 475 -16.29 45.44 -34.74
N VAL E 476 -16.51 44.14 -34.60
CA VAL E 476 -15.74 43.14 -35.33
C VAL E 476 -16.70 42.08 -35.86
N LEU E 477 -16.59 41.76 -37.14
CA LEU E 477 -17.43 40.78 -37.79
C LEU E 477 -16.57 39.84 -38.63
N ALA E 478 -16.89 38.55 -38.58
CA ALA E 478 -16.18 37.54 -39.34
C ALA E 478 -17.20 36.64 -40.03
N LEU E 479 -16.97 36.38 -41.32
CA LEU E 479 -17.82 35.51 -42.13
C LEU E 479 -16.97 34.52 -42.91
N GLN E 480 -15.91 34.01 -42.28
CA GLN E 480 -14.98 33.13 -42.96
C GLN E 480 -15.63 31.81 -43.33
N GLY E 481 -15.32 31.32 -44.53
CA GLY E 481 -15.77 30.01 -44.96
C GLY E 481 -17.23 29.92 -45.36
N ASN E 482 -17.94 31.05 -45.43
CA ASN E 482 -19.34 31.02 -45.83
C ASN E 482 -19.51 30.76 -47.32
N GLY E 483 -18.49 30.99 -48.13
CA GLY E 483 -18.60 30.80 -49.57
C GLY E 483 -19.63 31.70 -50.21
N LEU E 484 -19.74 32.95 -49.74
CA LEU E 484 -20.74 33.86 -50.26
C LEU E 484 -20.34 34.37 -51.63
N MET E 485 -21.33 34.59 -52.50
CA MET E 485 -21.08 35.10 -53.84
C MET E 485 -21.09 36.62 -53.88
N VAL E 486 -21.95 37.26 -53.08
CA VAL E 486 -22.04 38.71 -53.05
C VAL E 486 -22.49 39.11 -51.65
N LEU E 487 -22.11 40.33 -51.25
CA LEU E 487 -22.43 40.84 -49.92
C LEU E 487 -23.67 41.74 -50.02
N GLN E 488 -24.71 41.39 -49.28
CA GLN E 488 -25.94 42.16 -49.24
C GLN E 488 -25.97 43.16 -48.09
N VAL E 489 -24.89 43.29 -47.33
CA VAL E 489 -24.82 44.18 -46.18
C VAL E 489 -23.94 45.36 -46.54
N ASP E 490 -24.43 46.57 -46.28
CA ASP E 490 -23.69 47.79 -46.60
C ASP E 490 -22.60 48.00 -45.56
N LEU E 491 -21.39 47.58 -45.87
CA LEU E 491 -20.27 47.75 -44.96
C LEU E 491 -19.95 49.21 -44.64
N PRO E 492 -19.90 50.15 -45.58
CA PRO E 492 -19.53 51.52 -45.22
C PRO E 492 -20.46 52.17 -44.20
N CYS E 493 -21.72 51.75 -44.13
CA CYS E 493 -22.64 52.31 -43.14
C CYS E 493 -22.28 51.91 -41.72
N PHE E 494 -21.37 50.96 -41.53
CA PHE E 494 -20.98 50.49 -40.20
C PHE E 494 -19.79 51.33 -39.74
N ILE E 495 -20.08 52.40 -39.00
CA ILE E 495 -19.02 53.32 -38.56
C ILE E 495 -18.13 52.67 -37.51
N CYS E 496 -18.71 51.90 -36.60
CA CYS E 496 -17.98 51.37 -35.45
C CYS E 496 -17.21 50.10 -35.77
N LEU E 497 -17.28 49.59 -36.99
CA LEU E 497 -16.50 48.42 -37.36
C LEU E 497 -15.01 48.73 -37.30
N LYS E 498 -14.24 47.80 -36.74
CA LYS E 498 -12.80 47.96 -36.61
C LYS E 498 -12.01 46.90 -37.37
N ARG E 499 -12.44 45.64 -37.32
CA ARG E 499 -11.79 44.57 -38.05
C ARG E 499 -12.85 43.74 -38.76
N LEU E 500 -12.50 43.22 -39.94
CA LEU E 500 -13.39 42.42 -40.75
C LEU E 500 -12.65 41.18 -41.26
N ASN E 501 -13.36 40.06 -41.34
CA ASN E 501 -12.80 38.80 -41.80
C ASN E 501 -13.76 38.19 -42.81
N LEU E 502 -13.39 38.23 -44.09
CA LEU E 502 -14.18 37.67 -45.17
C LEU E 502 -13.41 36.60 -45.94
N ALA E 503 -12.56 35.86 -45.25
CA ALA E 503 -11.71 34.86 -45.90
C ALA E 503 -12.56 33.70 -46.39
N GLU E 504 -11.99 32.95 -47.35
CA GLU E 504 -12.64 31.77 -47.93
C GLU E 504 -14.02 32.09 -48.48
N GLU F 1 -8.58 -13.21 14.18
CA GLU F 1 -7.42 -12.33 14.33
C GLU F 1 -6.15 -13.06 13.88
N VAL F 2 -5.06 -12.31 13.70
CA VAL F 2 -3.81 -12.90 13.26
C VAL F 2 -3.18 -13.71 14.39
N GLN F 3 -2.63 -14.87 14.05
CA GLN F 3 -1.95 -15.72 15.01
C GLN F 3 -0.90 -16.56 14.29
N LEU F 4 0.28 -16.65 14.88
CA LEU F 4 1.37 -17.47 14.37
C LEU F 4 1.50 -18.72 15.22
N VAL F 5 1.72 -19.87 14.57
CA VAL F 5 1.74 -21.16 15.24
C VAL F 5 3.09 -21.82 14.99
N GLN F 6 3.72 -22.30 16.07
CA GLN F 6 4.96 -23.06 15.98
C GLN F 6 4.78 -24.38 16.70
N PRO F 7 5.24 -25.50 16.14
CA PRO F 7 5.14 -26.79 16.82
C PRO F 7 6.38 -27.12 17.64
N GLY F 8 6.15 -27.74 18.80
CA GLY F 8 7.23 -28.13 19.69
C GLY F 8 8.29 -28.97 19.00
N ALA F 9 9.56 -28.67 19.27
CA ALA F 9 10.67 -29.24 18.51
C ALA F 9 11.28 -30.48 19.15
N GLU F 10 10.68 -30.99 20.21
CA GLU F 10 11.06 -32.28 20.79
C GLU F 10 12.53 -32.35 21.17
N LEU F 11 13.35 -32.96 20.31
CA LEU F 11 14.75 -33.17 20.62
C LEU F 11 15.54 -33.30 19.33
N ARG F 12 16.79 -32.86 19.38
CA ARG F 12 17.69 -32.95 18.23
C ARG F 12 19.09 -33.29 18.74
N ASN F 13 19.68 -34.33 18.18
CA ASN F 13 21.02 -34.74 18.60
C ASN F 13 22.05 -33.67 18.27
N SER F 14 23.08 -33.61 19.11
CA SER F 14 24.11 -32.58 18.96
C SER F 14 24.85 -32.73 17.63
N GLY F 15 25.25 -31.60 17.07
CA GLY F 15 25.94 -31.57 15.79
C GLY F 15 25.06 -31.54 14.57
N ALA F 16 23.73 -31.59 14.75
CA ALA F 16 22.79 -31.60 13.64
C ALA F 16 22.23 -30.19 13.42
N SER F 17 21.22 -30.08 12.55
CA SER F 17 20.57 -28.82 12.25
C SER F 17 19.10 -28.91 12.64
N VAL F 18 18.54 -27.77 13.04
CA VAL F 18 17.16 -27.69 13.49
C VAL F 18 16.39 -26.77 12.55
N LYS F 19 15.08 -27.02 12.46
CA LYS F 19 14.18 -26.22 11.63
C LYS F 19 13.02 -25.76 12.51
N VAL F 20 12.84 -24.44 12.61
CA VAL F 20 11.77 -23.86 13.40
C VAL F 20 10.78 -23.21 12.44
N SER F 21 9.52 -23.63 12.53
CA SER F 21 8.47 -23.18 11.62
C SER F 21 7.57 -22.18 12.33
N CYS F 22 7.12 -21.18 11.58
CA CYS F 22 6.32 -20.08 12.10
C CYS F 22 5.15 -19.78 11.17
N LYS F 23 4.37 -20.81 10.84
CA LYS F 23 3.21 -20.63 9.98
C LYS F 23 2.29 -19.54 10.53
N ALA F 24 1.87 -18.63 9.66
CA ALA F 24 1.09 -17.46 10.05
C ALA F 24 -0.23 -17.44 9.30
N SER F 25 -1.22 -16.77 9.89
CA SER F 25 -2.54 -16.71 9.31
C SER F 25 -3.25 -15.47 9.82
N GLY F 26 -4.31 -15.08 9.12
CA GLY F 26 -5.09 -13.92 9.50
C GLY F 26 -4.59 -12.60 8.95
N TYR F 27 -3.54 -12.60 8.14
CA TYR F 27 -2.99 -11.36 7.61
C TYR F 27 -2.17 -11.68 6.37
N ARG F 28 -1.84 -10.64 5.61
CA ARG F 28 -1.04 -10.77 4.40
C ARG F 28 0.42 -11.01 4.78
N PHE F 29 0.91 -12.21 4.52
CA PHE F 29 2.24 -12.60 4.98
C PHE F 29 3.33 -11.71 4.38
N THR F 30 3.27 -11.47 3.08
CA THR F 30 4.30 -10.70 2.41
C THR F 30 4.08 -9.20 2.55
N SER F 31 3.85 -8.75 3.78
CA SER F 31 3.66 -7.34 4.05
C SER F 31 4.32 -6.87 5.33
N TYR F 32 4.97 -7.76 6.09
CA TYR F 32 5.41 -7.47 7.45
C TYR F 32 6.81 -8.03 7.66
N TYR F 33 7.38 -7.73 8.83
CA TYR F 33 8.63 -8.33 9.28
C TYR F 33 8.35 -9.53 10.17
N ILE F 34 9.38 -10.35 10.35
CA ILE F 34 9.33 -11.49 11.26
C ILE F 34 10.60 -11.48 12.10
N ASP F 35 10.44 -11.42 13.42
CA ASP F 35 11.56 -11.37 14.35
C ASP F 35 11.73 -12.71 15.04
N TRP F 36 12.97 -13.01 15.41
CA TRP F 36 13.32 -14.29 16.03
C TRP F 36 14.04 -14.01 17.33
N VAL F 37 13.37 -14.26 18.46
CA VAL F 37 13.89 -13.99 19.78
C VAL F 37 14.07 -15.32 20.50
N ARG F 38 15.17 -15.46 21.24
CA ARG F 38 15.56 -16.72 21.85
C ARG F 38 15.66 -16.54 23.37
N GLN F 39 14.95 -17.40 24.10
CA GLN F 39 14.94 -17.36 25.55
C GLN F 39 15.65 -18.60 26.08
N ALA F 40 16.97 -18.47 26.27
CA ALA F 40 17.71 -19.51 26.94
C ALA F 40 17.49 -19.45 28.45
N PRO F 41 17.44 -20.60 29.12
CA PRO F 41 17.17 -20.58 30.57
C PRO F 41 18.36 -20.10 31.39
N GLY F 42 19.39 -19.60 30.71
CA GLY F 42 20.56 -19.06 31.38
C GLY F 42 20.50 -17.57 31.62
N GLN F 43 20.03 -16.81 30.63
CA GLN F 43 20.05 -15.36 30.75
C GLN F 43 19.02 -14.73 29.81
N GLY F 44 18.11 -13.94 30.39
CA GLY F 44 17.28 -12.99 29.68
C GLY F 44 16.64 -13.43 28.38
N LEU F 45 16.48 -12.47 27.47
CA LEU F 45 15.92 -12.69 26.14
C LEU F 45 16.90 -12.10 25.13
N GLU F 46 17.25 -12.88 24.11
CA GLU F 46 18.17 -12.42 23.10
C GLU F 46 17.48 -12.30 21.74
N TRP F 47 17.82 -11.21 21.04
CA TRP F 47 17.18 -10.85 19.78
C TRP F 47 18.13 -11.21 18.63
N MET F 48 17.79 -12.24 17.88
CA MET F 48 18.38 -12.38 16.56
C MET F 48 17.66 -11.45 15.59
N GLY F 49 18.10 -11.47 14.35
CA GLY F 49 17.61 -10.47 13.40
C GLY F 49 16.17 -10.62 12.95
N ARG F 50 15.89 -10.10 11.77
CA ARG F 50 14.54 -10.12 11.23
C ARG F 50 14.63 -10.32 9.72
N ILE F 51 13.53 -10.79 9.14
CA ILE F 51 13.47 -11.04 7.70
C ILE F 51 12.29 -10.30 7.10
N ASP F 52 12.41 -10.00 5.80
CA ASP F 52 11.33 -9.40 5.04
C ASP F 52 10.86 -10.40 4.00
N PRO F 53 9.72 -11.07 4.20
CA PRO F 53 9.28 -12.08 3.23
C PRO F 53 9.10 -11.53 1.82
N GLU F 54 8.63 -10.30 1.67
CA GLU F 54 8.36 -9.76 0.35
C GLU F 54 9.63 -9.71 -0.50
N ASP F 55 10.71 -9.19 0.05
CA ASP F 55 11.97 -9.06 -0.67
C ASP F 55 12.90 -10.23 -0.38
N GLY F 56 13.09 -10.55 0.90
CA GLY F 56 14.07 -11.53 1.31
C GLY F 56 15.27 -10.96 2.03
N GLY F 57 15.25 -9.68 2.35
CA GLY F 57 16.39 -9.06 3.03
C GLY F 57 16.58 -9.64 4.41
N THR F 58 17.80 -10.03 4.71
CA THR F 58 18.15 -10.67 5.98
C THR F 58 19.10 -9.76 6.75
N LYS F 59 18.78 -9.53 8.02
CA LYS F 59 19.67 -8.84 8.94
C LYS F 59 19.71 -9.62 10.24
N TYR F 60 20.82 -9.55 10.95
CA TYR F 60 21.01 -10.37 12.14
C TYR F 60 21.99 -9.68 13.08
N ALA F 61 21.94 -10.10 14.34
CA ALA F 61 22.68 -9.44 15.40
C ALA F 61 24.18 -9.71 15.28
N GLN F 62 24.95 -9.13 16.19
CA GLN F 62 26.39 -9.25 16.16
C GLN F 62 26.90 -10.64 16.52
N LYS F 63 26.11 -11.42 17.27
CA LYS F 63 26.57 -12.73 17.72
C LYS F 63 26.18 -13.86 16.78
N PHE F 64 25.07 -13.74 16.07
CA PHE F 64 24.58 -14.78 15.17
C PHE F 64 25.04 -14.54 13.74
N GLN F 65 26.24 -14.00 13.58
CA GLN F 65 26.80 -13.73 12.25
C GLN F 65 27.22 -15.03 11.56
N GLY F 66 26.34 -15.58 10.74
CA GLY F 66 26.65 -16.78 10.00
C GLY F 66 26.29 -18.07 10.71
N ARG F 67 25.93 -18.01 11.99
CA ARG F 67 25.52 -19.21 12.72
C ARG F 67 24.03 -19.49 12.60
N VAL F 68 23.29 -18.60 11.95
CA VAL F 68 21.86 -18.80 11.74
C VAL F 68 21.44 -18.10 10.46
N THR F 69 20.52 -18.71 9.72
CA THR F 69 19.96 -18.13 8.52
C THR F 69 18.48 -18.48 8.48
N PHE F 70 17.64 -17.46 8.32
CA PHE F 70 16.19 -17.65 8.25
C PHE F 70 15.67 -17.20 6.89
N THR F 71 14.82 -18.02 6.29
CA THR F 71 14.20 -17.77 5.00
C THR F 71 12.69 -17.69 5.17
N ALA F 72 12.00 -17.36 4.08
CA ALA F 72 10.54 -17.31 4.07
C ALA F 72 10.03 -17.99 2.80
N ASP F 73 8.78 -18.44 2.87
CA ASP F 73 8.10 -19.07 1.73
C ASP F 73 6.73 -18.43 1.66
N THR F 74 6.52 -17.57 0.67
CA THR F 74 5.30 -16.78 0.57
C THR F 74 4.11 -17.58 0.07
N SER F 75 4.33 -18.78 -0.46
CA SER F 75 3.21 -19.57 -0.99
C SER F 75 2.35 -20.15 0.12
N THR F 76 2.97 -20.56 1.23
CA THR F 76 2.25 -21.17 2.33
C THR F 76 2.22 -20.29 3.58
N SER F 77 2.71 -19.05 3.48
CA SER F 77 2.64 -18.07 4.56
C SER F 77 3.35 -18.56 5.82
N THR F 78 4.57 -19.09 5.64
CA THR F 78 5.37 -19.60 6.73
C THR F 78 6.77 -19.02 6.69
N ALA F 79 7.35 -18.81 7.87
CA ALA F 79 8.72 -18.34 8.03
C ALA F 79 9.50 -19.39 8.82
N TYR F 80 10.80 -19.49 8.53
CA TYR F 80 11.61 -20.59 9.04
C TYR F 80 12.87 -20.05 9.72
N VAL F 81 13.62 -20.96 10.34
CA VAL F 81 14.96 -20.69 10.88
C VAL F 81 15.82 -21.92 10.63
N GLU F 82 17.12 -21.71 10.43
CA GLU F 82 18.07 -22.80 10.23
C GLU F 82 19.27 -22.59 11.15
N LEU F 83 19.29 -23.33 12.25
CA LEU F 83 20.41 -23.29 13.20
C LEU F 83 21.35 -24.45 12.93
N SER F 84 22.64 -24.15 12.76
CA SER F 84 23.63 -25.12 12.36
C SER F 84 24.67 -25.32 13.46
N SER F 85 25.30 -26.49 13.43
CA SER F 85 26.39 -26.87 14.34
C SER F 85 26.00 -26.63 15.81
N LEU F 86 25.01 -27.40 16.24
CA LEU F 86 24.46 -27.25 17.58
C LEU F 86 25.52 -27.56 18.65
N ARG F 87 25.44 -26.84 19.76
CA ARG F 87 26.22 -27.11 20.96
C ARG F 87 25.27 -27.22 22.16
N SER F 88 25.86 -27.49 23.32
CA SER F 88 25.05 -27.57 24.54
C SER F 88 24.43 -26.21 24.88
N GLU F 89 25.17 -25.12 24.66
CA GLU F 89 24.66 -23.79 24.94
C GLU F 89 23.77 -23.30 23.81
N ASP F 90 22.79 -24.11 23.42
CA ASP F 90 21.83 -23.75 22.40
C ASP F 90 20.39 -24.08 22.79
N THR F 91 20.16 -24.95 23.77
CA THR F 91 18.82 -25.33 24.17
C THR F 91 18.04 -24.13 24.70
N ALA F 92 17.00 -23.74 23.96
CA ALA F 92 16.24 -22.55 24.30
C ALA F 92 14.89 -22.61 23.60
N VAL F 93 14.01 -21.71 23.99
CA VAL F 93 12.69 -21.57 23.37
C VAL F 93 12.78 -20.43 22.37
N TYR F 94 12.46 -20.73 21.10
CA TYR F 94 12.62 -19.78 20.01
C TYR F 94 11.26 -19.20 19.65
N TYR F 95 11.07 -17.92 19.93
CA TYR F 95 9.80 -17.26 19.70
C TYR F 95 9.76 -16.62 18.32
N CYS F 96 8.60 -16.09 17.97
CA CYS F 96 8.33 -15.55 16.64
C CYS F 96 7.39 -14.37 16.79
N ALA F 97 7.84 -13.19 16.37
CA ALA F 97 7.14 -11.94 16.67
C ALA F 97 6.81 -11.19 15.38
N ARG F 98 6.01 -10.13 15.54
CA ARG F 98 5.60 -9.27 14.43
C ARG F 98 5.55 -7.82 14.91
N ASN F 99 6.10 -6.91 14.11
CA ASN F 99 6.36 -5.54 14.53
C ASN F 99 5.10 -4.69 14.68
N GLU F 100 3.93 -5.23 14.35
CA GLU F 100 2.59 -4.71 14.57
C GLU F 100 2.14 -3.62 13.58
N TRP F 101 3.02 -3.00 12.80
CA TRP F 101 2.53 -1.97 11.88
C TRP F 101 2.51 -2.43 10.43
N GLU F 102 3.67 -2.53 9.77
CA GLU F 102 3.88 -2.90 8.37
C GLU F 102 5.38 -2.82 8.11
N THR F 103 5.82 -3.48 7.04
CA THR F 103 7.19 -3.29 6.57
C THR F 103 7.40 -1.86 6.08
N VAL F 104 6.40 -1.30 5.41
CA VAL F 104 6.56 0.04 4.84
C VAL F 104 6.70 1.07 5.96
N VAL F 105 5.88 0.99 7.00
CA VAL F 105 5.97 1.95 8.09
C VAL F 105 7.26 1.77 8.87
N VAL F 106 7.60 0.54 9.21
CA VAL F 106 8.86 0.25 9.92
C VAL F 106 9.91 0.05 8.84
N GLY F 107 10.47 1.15 8.36
CA GLY F 107 11.40 1.06 7.24
C GLY F 107 12.73 0.44 7.59
N ASP F 108 13.54 1.17 8.36
CA ASP F 108 14.82 0.67 8.84
C ASP F 108 14.96 0.76 10.34
N LEU F 109 14.02 1.40 11.02
CA LEU F 109 14.07 1.50 12.47
C LEU F 109 13.62 0.18 13.09
N MET F 110 13.57 0.16 14.42
CA MET F 110 13.15 -1.03 15.15
C MET F 110 12.03 -0.66 16.11
N TYR F 111 11.09 -1.59 16.27
CA TYR F 111 9.91 -1.36 17.10
C TYR F 111 9.84 -2.48 18.12
N GLU F 112 8.73 -2.52 18.86
CA GLU F 112 8.40 -3.60 19.78
C GLU F 112 7.52 -4.62 19.08
N TYR F 113 7.15 -5.66 19.82
CA TYR F 113 6.39 -6.77 19.27
C TYR F 113 5.04 -6.89 19.99
N GLU F 114 3.98 -7.08 19.21
CA GLU F 114 2.64 -7.25 19.78
C GLU F 114 2.06 -8.64 19.54
N TYR F 115 2.54 -9.36 18.52
CA TYR F 115 2.06 -10.71 18.24
C TYR F 115 3.24 -11.67 18.38
N TRP F 116 3.21 -12.50 19.42
CA TRP F 116 4.23 -13.51 19.66
C TRP F 116 3.71 -14.89 19.25
N GLY F 117 4.65 -15.76 18.90
CA GLY F 117 4.36 -17.16 18.69
C GLY F 117 4.28 -17.89 20.00
N GLN F 118 4.35 -19.23 19.92
CA GLN F 118 4.26 -20.05 21.12
C GLN F 118 5.60 -20.69 21.48
N GLY F 119 6.60 -20.61 20.61
CA GLY F 119 7.92 -21.08 20.94
C GLY F 119 8.09 -22.57 20.68
N THR F 120 9.35 -22.96 20.50
CA THR F 120 9.72 -24.35 20.32
C THR F 120 10.94 -24.64 21.17
N GLN F 121 10.98 -25.82 21.77
CA GLN F 121 12.10 -26.24 22.61
C GLN F 121 13.05 -27.08 21.78
N VAL F 122 14.19 -26.51 21.40
CA VAL F 122 15.23 -27.24 20.70
C VAL F 122 16.18 -27.79 21.76
N THR F 123 15.99 -29.05 22.12
CA THR F 123 16.75 -29.69 23.18
C THR F 123 17.76 -30.67 22.59
N VAL F 124 19.00 -30.58 23.04
CA VAL F 124 20.07 -31.49 22.60
C VAL F 124 20.52 -32.31 23.82
N SER F 125 20.39 -33.63 23.71
CA SER F 125 20.78 -34.52 24.80
C SER F 125 21.54 -35.77 24.38
N SER F 126 21.48 -36.17 23.11
CA SER F 126 22.09 -37.42 22.64
C SER F 126 21.62 -38.62 23.45
N ALA F 127 20.31 -38.68 23.71
CA ALA F 127 19.67 -39.81 24.36
C ALA F 127 18.49 -40.25 23.50
N SER F 128 18.46 -41.54 23.16
CA SER F 128 17.50 -42.00 22.15
C SER F 128 16.11 -42.24 22.74
N THR F 129 15.98 -43.24 23.61
CA THR F 129 14.67 -43.62 24.13
C THR F 129 14.86 -44.64 25.25
N LYS F 130 14.12 -44.46 26.34
CA LYS F 130 14.05 -45.47 27.39
C LYS F 130 12.82 -45.19 28.25
N GLY F 131 11.96 -46.19 28.39
CA GLY F 131 10.72 -46.04 29.11
C GLY F 131 10.92 -45.83 30.59
N PRO F 132 10.00 -45.12 31.24
CA PRO F 132 10.11 -44.89 32.68
C PRO F 132 9.96 -46.18 33.46
N SER F 133 10.66 -46.23 34.60
CA SER F 133 10.59 -47.36 35.52
C SER F 133 10.03 -46.84 36.84
N VAL F 134 8.69 -46.87 36.94
CA VAL F 134 8.03 -46.33 38.13
C VAL F 134 8.35 -47.21 39.32
N PHE F 135 8.72 -46.58 40.44
CA PHE F 135 9.09 -47.27 41.66
C PHE F 135 8.09 -46.94 42.76
N PRO F 136 7.50 -47.94 43.41
CA PRO F 136 6.55 -47.65 44.49
C PRO F 136 7.26 -47.21 45.76
N LEU F 137 6.63 -46.28 46.48
CA LEU F 137 7.15 -45.81 47.75
C LEU F 137 5.98 -45.65 48.72
N ALA F 138 6.19 -46.12 49.96
CA ALA F 138 5.13 -46.14 50.96
C ALA F 138 5.79 -46.18 52.34
N PRO F 139 5.09 -45.69 53.38
CA PRO F 139 5.66 -45.74 54.74
C PRO F 139 5.76 -47.16 55.29
N ALA F 150 1.34 -39.77 54.27
CA ALA F 150 1.18 -39.55 52.83
C ALA F 150 1.89 -40.64 52.03
N LEU F 151 1.84 -40.52 50.71
CA LEU F 151 2.46 -41.50 49.82
C LEU F 151 2.63 -40.87 48.45
N GLY F 152 3.30 -41.60 47.55
CA GLY F 152 3.56 -41.09 46.23
C GLY F 152 4.20 -42.13 45.35
N CYS F 153 4.77 -41.67 44.24
CA CYS F 153 5.40 -42.52 43.25
C CYS F 153 6.79 -42.00 42.91
N LEU F 154 7.66 -42.92 42.48
CA LEU F 154 9.01 -42.61 42.03
C LEU F 154 9.14 -43.00 40.56
N VAL F 155 9.61 -42.06 39.74
CA VAL F 155 9.85 -42.29 38.32
C VAL F 155 11.29 -41.92 38.00
N LYS F 156 12.00 -42.82 37.33
CA LYS F 156 13.43 -42.65 37.06
C LYS F 156 13.72 -42.89 35.59
N ASP F 157 14.61 -42.06 35.04
CA ASP F 157 15.12 -42.22 33.68
C ASP F 157 14.01 -42.32 32.64
N TYR F 158 13.23 -41.26 32.47
CA TYR F 158 12.11 -41.24 31.54
C TYR F 158 12.38 -40.25 30.41
N PHE F 159 13.65 -40.13 30.03
CA PHE F 159 14.07 -39.24 28.97
C PHE F 159 13.49 -39.72 27.64
N PRO F 160 13.37 -38.82 26.64
CA PRO F 160 13.60 -37.37 26.72
C PRO F 160 12.38 -36.46 26.60
N GLU F 161 11.19 -36.76 27.14
CA GLU F 161 10.06 -35.88 26.82
C GLU F 161 9.12 -36.30 27.94
N PRO F 162 8.14 -35.51 28.41
CA PRO F 162 7.71 -35.66 29.80
C PRO F 162 6.83 -36.88 30.03
N VAL F 163 6.51 -37.09 31.30
CA VAL F 163 5.58 -38.12 31.74
C VAL F 163 4.43 -37.45 32.48
N THR F 164 3.20 -37.88 32.19
CA THR F 164 2.02 -37.43 32.91
C THR F 164 1.53 -38.56 33.82
N VAL F 165 1.34 -38.23 35.09
CA VAL F 165 0.99 -39.22 36.11
C VAL F 165 -0.24 -38.72 36.84
N SER F 166 -1.26 -39.57 36.94
CA SER F 166 -2.51 -39.23 37.62
C SER F 166 -2.90 -40.28 38.64
N GLY F 175 -5.20 -32.93 46.40
CA GLY F 175 -4.20 -33.48 47.30
C GLY F 175 -3.09 -34.22 46.58
N VAL F 176 -2.57 -33.62 45.51
CA VAL F 176 -1.50 -34.20 44.72
C VAL F 176 -0.37 -33.19 44.58
N HIS F 177 0.83 -33.70 44.32
CA HIS F 177 1.99 -32.85 44.08
C HIS F 177 2.95 -33.57 43.15
N THR F 178 3.23 -32.96 42.00
CA THR F 178 4.25 -33.42 41.08
C THR F 178 5.38 -32.41 41.05
N PHE F 179 6.59 -32.90 40.85
CA PHE F 179 7.73 -32.01 40.90
C PHE F 179 8.44 -31.97 39.55
N PRO F 180 9.05 -30.83 39.20
CA PRO F 180 9.71 -30.74 37.90
C PRO F 180 10.84 -31.75 37.76
N ALA F 181 10.99 -32.26 36.55
CA ALA F 181 12.05 -33.23 36.28
C ALA F 181 13.42 -32.56 36.34
N VAL F 182 14.41 -33.33 36.78
CA VAL F 182 15.77 -32.85 36.91
C VAL F 182 16.66 -33.66 35.98
N LEU F 183 17.85 -33.11 35.70
CA LEU F 183 18.83 -33.74 34.85
C LEU F 183 19.95 -34.32 35.70
N GLN F 184 20.25 -35.60 35.49
CA GLN F 184 21.34 -36.26 36.21
C GLN F 184 21.76 -37.49 35.43
N SER F 185 23.08 -37.65 35.25
CA SER F 185 23.65 -38.78 34.53
C SER F 185 23.01 -38.95 33.15
N SER F 186 22.74 -37.82 32.50
CA SER F 186 22.09 -37.78 31.19
C SER F 186 20.76 -38.52 31.20
N GLY F 187 19.87 -38.06 32.09
CA GLY F 187 18.56 -38.68 32.23
C GLY F 187 17.63 -37.90 33.12
N LEU F 188 16.32 -38.09 32.92
CA LEU F 188 15.31 -37.33 33.65
C LEU F 188 14.98 -38.04 34.96
N TYR F 189 14.19 -37.36 35.80
CA TYR F 189 13.87 -37.86 37.14
C TYR F 189 12.57 -37.18 37.57
N SER F 190 11.49 -37.94 37.63
CA SER F 190 10.20 -37.42 38.06
C SER F 190 9.86 -37.90 39.46
N LEU F 191 8.77 -37.35 40.00
CA LEU F 191 8.33 -37.67 41.35
C LEU F 191 6.84 -37.36 41.46
N SER F 192 6.23 -37.91 42.51
CA SER F 192 4.84 -37.63 42.82
C SER F 192 4.62 -37.91 44.30
N SER F 193 3.58 -37.29 44.85
CA SER F 193 3.24 -37.47 46.25
C SER F 193 1.80 -37.06 46.48
N VAL F 194 1.08 -37.86 47.27
CA VAL F 194 -0.32 -37.61 47.58
C VAL F 194 -0.51 -37.76 49.08
N VAL F 195 -1.23 -36.83 49.70
CA VAL F 195 -1.48 -36.87 51.13
C VAL F 195 -2.93 -37.22 51.41
N ASN F 210 0.65 -43.42 35.03
CA ASN F 210 1.66 -43.19 34.01
C ASN F 210 1.10 -43.42 32.61
N VAL F 211 1.01 -42.35 31.83
CA VAL F 211 0.68 -42.42 30.41
C VAL F 211 1.82 -41.78 29.64
N ASN F 212 2.81 -42.58 29.24
CA ASN F 212 4.01 -42.07 28.58
C ASN F 212 3.85 -42.25 27.08
N HIS F 213 3.86 -41.14 26.34
CA HIS F 213 3.65 -41.19 24.89
C HIS F 213 4.85 -41.81 24.18
N LYS F 214 6.06 -41.50 24.64
CA LYS F 214 7.26 -42.00 23.98
C LYS F 214 7.60 -43.41 24.46
N ASP G 1 24.64 -2.01 20.99
CA ASP G 1 24.57 -2.65 22.30
C ASP G 1 24.34 -1.64 23.40
N ILE G 2 23.10 -1.55 23.88
CA ILE G 2 22.75 -0.68 25.00
C ILE G 2 22.33 -1.55 26.17
N GLN G 3 23.29 -1.90 27.03
CA GLN G 3 23.01 -2.80 28.14
C GLN G 3 22.09 -2.13 29.15
N MET G 4 21.06 -2.86 29.58
CA MET G 4 20.07 -2.35 30.51
C MET G 4 19.95 -3.29 31.69
N THR G 5 19.65 -2.72 32.86
CA THR G 5 19.61 -3.48 34.10
C THR G 5 18.29 -3.25 34.81
N GLN G 6 17.75 -4.32 35.39
CA GLN G 6 16.56 -4.26 36.23
C GLN G 6 17.03 -4.33 37.68
N SER G 7 16.74 -3.29 38.46
CA SER G 7 17.37 -3.14 39.77
C SER G 7 17.02 -4.27 40.73
N PRO G 8 15.74 -4.64 40.94
CA PRO G 8 15.48 -5.78 41.83
C PRO G 8 15.51 -7.10 41.08
N SER G 9 16.31 -8.05 41.56
CA SER G 9 16.37 -9.36 40.91
C SER G 9 15.05 -10.10 41.03
N SER G 10 14.42 -10.03 42.21
CA SER G 10 13.13 -10.66 42.45
C SER G 10 12.51 -10.01 43.68
N LEU G 11 11.18 -9.96 43.71
CA LEU G 11 10.47 -9.33 44.81
C LEU G 11 9.17 -10.06 45.08
N SER G 12 8.76 -10.05 46.35
CA SER G 12 7.53 -10.69 46.79
C SER G 12 6.66 -9.66 47.50
N ALA G 13 5.39 -9.61 47.14
CA ALA G 13 4.45 -8.65 47.72
C ALA G 13 3.11 -9.35 47.91
N SER G 14 2.10 -8.58 48.31
CA SER G 14 0.78 -9.11 48.64
C SER G 14 -0.28 -8.34 47.89
N LEU G 15 -1.52 -8.82 48.01
CA LEU G 15 -2.64 -8.25 47.27
C LEU G 15 -2.86 -6.79 47.67
N GLY G 16 -3.27 -5.98 46.70
CA GLY G 16 -3.60 -4.59 46.95
C GLY G 16 -2.44 -3.75 47.44
N ASP G 17 -1.27 -3.94 46.84
CA ASP G 17 -0.07 -3.20 47.21
C ASP G 17 0.52 -2.54 45.96
N ARG G 18 1.53 -1.71 46.17
CA ARG G 18 2.18 -0.99 45.08
C ARG G 18 3.54 -1.64 44.81
N VAL G 19 3.74 -2.06 43.56
CA VAL G 19 4.96 -2.72 43.12
C VAL G 19 5.69 -1.78 42.18
N THR G 20 7.02 -1.80 42.22
CA THR G 20 7.85 -0.94 41.39
C THR G 20 9.03 -1.72 40.86
N ILE G 21 9.27 -1.59 39.54
CA ILE G 21 10.45 -2.15 38.90
C ILE G 21 11.10 -1.05 38.08
N THR G 22 12.40 -0.88 38.25
CA THR G 22 13.14 0.18 37.57
C THR G 22 14.01 -0.41 36.47
N CYS G 23 14.46 0.48 35.58
CA CYS G 23 15.24 0.05 34.42
C CYS G 23 16.26 1.15 34.13
N GLN G 24 17.54 0.78 34.02
CA GLN G 24 18.63 1.72 33.81
C GLN G 24 19.35 1.37 32.52
N ALA G 25 19.52 2.37 31.65
CA ALA G 25 20.09 2.17 30.33
C ALA G 25 21.53 2.62 30.29
N SER G 26 22.35 1.89 29.52
CA SER G 26 23.77 2.20 29.42
C SER G 26 24.00 3.61 28.86
N GLN G 27 23.26 3.97 27.81
CA GLN G 27 23.33 5.29 27.22
C GLN G 27 21.92 5.88 27.15
N SER G 28 21.79 7.02 26.48
CA SER G 28 20.50 7.67 26.37
C SER G 28 19.57 6.85 25.48
N ILE G 29 18.28 6.84 25.85
CA ILE G 29 17.29 6.03 25.16
C ILE G 29 16.13 6.86 24.61
N SER G 30 15.98 8.10 25.08
CA SER G 30 14.87 8.99 24.74
C SER G 30 13.57 8.44 25.32
N SER G 31 12.71 7.88 24.48
CA SER G 31 11.44 7.35 24.96
C SER G 31 11.08 6.03 24.28
N TYR G 32 12.09 5.27 23.86
CA TYR G 32 11.88 4.05 23.08
C TYR G 32 12.12 2.85 23.98
N LEU G 33 11.08 2.47 24.72
CA LEU G 33 11.12 1.36 25.67
C LEU G 33 9.91 0.48 25.47
N ALA G 34 9.88 -0.64 26.21
CA ALA G 34 8.71 -1.51 26.24
C ALA G 34 8.84 -2.45 27.42
N TRP G 35 7.71 -2.76 28.05
CA TRP G 35 7.65 -3.65 29.20
C TRP G 35 6.80 -4.87 28.86
N TYR G 36 7.26 -6.04 29.28
CA TYR G 36 6.60 -7.31 28.97
C TYR G 36 6.22 -8.03 30.26
N GLN G 37 5.24 -8.93 30.13
CA GLN G 37 4.56 -9.54 31.27
C GLN G 37 4.44 -11.06 31.10
N GLN G 38 5.56 -11.72 30.83
CA GLN G 38 5.54 -13.16 30.58
C GLN G 38 4.93 -13.92 31.75
N LYS G 39 4.12 -14.92 31.42
CA LYS G 39 3.57 -15.87 32.37
C LYS G 39 4.58 -16.98 32.65
N PRO G 40 4.36 -17.77 33.71
CA PRO G 40 5.31 -18.85 34.01
C PRO G 40 5.42 -19.92 32.93
N GLY G 41 4.46 -20.01 32.01
CA GLY G 41 4.52 -21.03 30.99
C GLY G 41 4.39 -20.55 29.55
N GLN G 42 3.91 -19.33 29.36
CA GLN G 42 3.54 -18.84 28.04
C GLN G 42 4.58 -17.86 27.50
N ALA G 43 4.30 -17.30 26.32
CA ALA G 43 5.15 -16.32 25.67
C ALA G 43 4.99 -14.94 26.33
N PRO G 44 5.94 -14.03 26.10
CA PRO G 44 5.82 -12.69 26.68
C PRO G 44 4.61 -11.94 26.12
N ASN G 45 4.10 -11.02 26.93
CA ASN G 45 2.96 -10.18 26.57
C ASN G 45 3.33 -8.73 26.80
N ILE G 46 3.12 -7.90 25.77
CA ILE G 46 3.46 -6.48 25.86
C ILE G 46 2.56 -5.79 26.87
N LEU G 47 3.16 -4.93 27.69
CA LEU G 47 2.41 -4.13 28.65
C LEU G 47 2.44 -2.65 28.33
N ILE G 48 3.61 -2.06 28.16
CA ILE G 48 3.77 -0.62 28.02
C ILE G 48 4.46 -0.33 26.69
N TYR G 49 3.86 0.59 25.92
CA TYR G 49 4.44 1.07 24.68
C TYR G 49 5.14 2.41 24.89
N GLY G 50 6.15 2.67 24.08
CA GLY G 50 6.88 3.92 24.16
C GLY G 50 7.70 4.00 25.42
N ALA G 51 7.29 4.84 26.36
CA ALA G 51 7.79 4.77 27.72
C ALA G 51 6.70 4.85 28.76
N SER G 52 5.53 5.38 28.43
CA SER G 52 4.41 5.46 29.35
C SER G 52 3.08 5.19 28.66
N ARG G 53 3.08 4.82 27.39
CA ARG G 53 1.86 4.68 26.60
C ARG G 53 1.27 3.29 26.85
N LEU G 54 0.24 3.24 27.69
CA LEU G 54 -0.39 1.98 28.03
C LEU G 54 -1.16 1.43 26.83
N LYS G 55 -1.11 0.11 26.66
CA LYS G 55 -1.73 -0.53 25.51
C LYS G 55 -3.24 -0.62 25.72
N THR G 56 -3.92 -1.33 24.82
CA THR G 56 -5.37 -1.47 24.86
C THR G 56 -5.74 -2.88 25.29
N GLY G 57 -6.66 -2.98 26.23
CA GLY G 57 -7.09 -4.27 26.75
C GLY G 57 -6.31 -4.78 27.93
N VAL G 58 -5.22 -4.12 28.31
CA VAL G 58 -4.44 -4.53 29.47
C VAL G 58 -4.86 -3.67 30.66
N PRO G 59 -4.78 -4.18 31.88
CA PRO G 59 -5.25 -3.40 33.03
C PRO G 59 -4.45 -2.13 33.22
N SER G 60 -5.15 -1.06 33.61
CA SER G 60 -4.56 0.27 33.73
C SER G 60 -3.81 0.45 35.05
N ARG G 61 -3.80 -0.55 35.92
CA ARG G 61 -3.06 -0.42 37.17
C ARG G 61 -1.57 -0.18 36.93
N PHE G 62 -1.03 -0.75 35.84
CA PHE G 62 0.34 -0.45 35.45
C PHE G 62 0.43 0.96 34.90
N SER G 63 1.52 1.66 35.25
CA SER G 63 1.75 3.02 34.79
C SER G 63 3.21 3.17 34.41
N GLY G 64 3.46 3.92 33.34
CA GLY G 64 4.81 4.17 32.88
C GLY G 64 5.25 5.59 33.20
N SER G 65 6.55 5.75 33.44
CA SER G 65 7.13 7.05 33.73
C SER G 65 8.62 7.01 33.46
N GLY G 66 9.22 8.18 33.34
CA GLY G 66 10.63 8.32 33.08
C GLY G 66 10.92 8.60 31.62
N SER G 67 12.20 8.86 31.35
CA SER G 67 12.66 9.18 30.00
C SER G 67 14.18 9.19 29.99
N GLY G 68 14.73 8.88 28.82
CA GLY G 68 16.16 9.02 28.59
C GLY G 68 17.02 7.94 29.20
N THR G 69 17.09 7.90 30.53
CA THR G 69 17.96 6.95 31.21
C THR G 69 17.28 6.19 32.34
N SER G 70 16.17 6.67 32.89
CA SER G 70 15.51 6.03 34.02
C SER G 70 14.05 5.79 33.68
N PHE G 71 13.60 4.55 33.86
CA PHE G 71 12.21 4.16 33.60
C PHE G 71 11.72 3.28 34.74
N THR G 72 10.47 3.47 35.12
CA THR G 72 9.87 2.71 36.21
C THR G 72 8.49 2.21 35.81
N LEU G 73 8.18 0.98 36.21
CA LEU G 73 6.84 0.41 36.09
C LEU G 73 6.25 0.29 37.48
N THR G 74 5.03 0.81 37.64
CA THR G 74 4.33 0.77 38.92
C THR G 74 2.98 0.11 38.75
N ILE G 75 2.69 -0.87 39.61
CA ILE G 75 1.42 -1.58 39.60
C ILE G 75 0.59 -1.07 40.78
N SER G 76 -0.63 -0.63 40.50
CA SER G 76 -1.43 0.04 41.53
C SER G 76 -1.87 -0.95 42.62
N GLY G 77 -2.64 -1.96 42.24
CA GLY G 77 -3.05 -2.98 43.17
C GLY G 77 -2.66 -4.37 42.72
N LEU G 78 -1.72 -4.99 43.42
CA LEU G 78 -1.24 -6.31 43.02
C LEU G 78 -2.36 -7.34 43.08
N GLU G 79 -2.39 -8.22 42.09
CA GLU G 79 -3.38 -9.28 42.02
C GLU G 79 -2.69 -10.60 41.71
N ALA G 80 -3.43 -11.69 41.89
CA ALA G 80 -2.86 -13.02 41.61
C ALA G 80 -2.48 -13.16 40.13
N GLU G 81 -3.17 -12.45 39.25
CA GLU G 81 -2.89 -12.53 37.82
C GLU G 81 -1.65 -11.76 37.40
N ASP G 82 -1.09 -10.93 38.29
CA ASP G 82 0.12 -10.17 37.99
C ASP G 82 1.36 -10.82 38.60
N ALA G 83 1.41 -12.15 38.64
CA ALA G 83 2.56 -12.89 39.14
C ALA G 83 3.28 -13.50 37.95
N GLY G 84 4.57 -13.16 37.81
CA GLY G 84 5.34 -13.64 36.69
C GLY G 84 6.63 -12.85 36.57
N THR G 85 7.23 -12.93 35.38
CA THR G 85 8.46 -12.22 35.09
C THR G 85 8.16 -11.01 34.21
N TYR G 86 8.86 -9.91 34.48
CA TYR G 86 8.67 -8.65 33.78
C TYR G 86 9.99 -8.24 33.12
N TYR G 87 9.91 -7.72 31.90
CA TYR G 87 11.08 -7.48 31.08
C TYR G 87 11.13 -6.05 30.56
N CYS G 88 12.33 -5.63 30.19
CA CYS G 88 12.59 -4.36 29.53
C CYS G 88 13.00 -4.60 28.10
N GLN G 89 12.83 -3.58 27.25
CA GLN G 89 13.33 -3.63 25.89
C GLN G 89 13.56 -2.20 25.40
N GLN G 90 14.60 -2.01 24.59
CA GLN G 90 14.87 -0.72 23.96
C GLN G 90 14.90 -0.92 22.45
N TYR G 91 14.31 0.01 21.72
CA TYR G 91 14.46 0.04 20.26
C TYR G 91 14.96 1.44 19.91
N ALA G 92 16.27 1.64 20.06
CA ALA G 92 16.90 2.91 19.74
C ALA G 92 18.21 2.69 19.01
N SER G 93 18.59 1.42 18.85
CA SER G 93 19.81 1.05 18.15
C SER G 93 19.58 -0.28 17.45
N VAL G 94 20.39 -0.57 16.44
CA VAL G 94 20.19 -1.74 15.60
C VAL G 94 20.18 -3.04 16.41
N PRO G 95 21.03 -3.25 17.44
CA PRO G 95 20.81 -4.43 18.29
C PRO G 95 19.73 -4.19 19.32
N VAL G 96 18.58 -4.83 19.18
CA VAL G 96 17.55 -4.72 20.21
C VAL G 96 17.95 -5.58 21.40
N THR G 97 17.99 -4.96 22.57
CA THR G 97 18.44 -5.64 23.78
C THR G 97 17.32 -5.62 24.81
N PHE G 98 17.14 -6.75 25.50
CA PHE G 98 16.16 -6.88 26.56
C PHE G 98 16.82 -6.70 27.91
N GLY G 99 16.00 -6.61 28.94
CA GLY G 99 16.49 -6.53 30.31
C GLY G 99 16.95 -7.88 30.81
N GLN G 100 16.71 -8.13 32.09
CA GLN G 100 17.09 -9.40 32.70
C GLN G 100 15.92 -10.16 33.30
N GLY G 101 14.82 -9.48 33.64
CA GLY G 101 13.65 -10.15 34.19
C GLY G 101 13.59 -10.08 35.70
N THR G 102 12.41 -9.76 36.23
CA THR G 102 12.17 -9.70 37.66
C THR G 102 10.94 -10.52 37.99
N LYS G 103 11.09 -11.52 38.85
CA LYS G 103 9.97 -12.37 39.24
C LYS G 103 9.15 -11.69 40.33
N VAL G 104 7.84 -11.70 40.17
CA VAL G 104 6.91 -11.14 41.14
C VAL G 104 6.02 -12.28 41.64
N GLU G 105 6.02 -12.51 42.94
CA GLU G 105 5.23 -13.57 43.56
C GLU G 105 4.41 -12.99 44.71
N LEU G 106 3.58 -13.83 45.29
CA LEU G 106 2.72 -13.45 46.40
C LEU G 106 3.29 -13.93 47.72
N LYS G 107 2.77 -13.36 48.82
CA LYS G 107 3.04 -13.88 50.15
C LYS G 107 1.89 -13.47 51.06
N ARG G 108 1.55 -14.35 51.99
CA ARG G 108 0.43 -14.10 52.89
C ARG G 108 0.81 -14.24 54.37
N THR G 109 1.65 -15.22 54.70
CA THR G 109 2.08 -15.48 56.07
C THR G 109 3.09 -16.62 56.02
N VAL G 110 3.76 -16.84 57.14
CA VAL G 110 4.71 -17.96 57.23
C VAL G 110 3.95 -19.27 57.43
N ALA G 111 4.54 -20.35 56.94
CA ALA G 111 3.95 -21.68 57.08
C ALA G 111 5.05 -22.67 57.44
N ALA G 112 4.67 -23.69 58.21
CA ALA G 112 5.64 -24.67 58.70
C ALA G 112 5.64 -25.90 57.81
N PRO G 113 6.80 -26.37 57.38
CA PRO G 113 6.87 -27.61 56.59
C PRO G 113 6.56 -28.82 57.45
N SER G 114 6.12 -29.89 56.78
CA SER G 114 5.85 -31.18 57.41
C SER G 114 6.80 -32.19 56.78
N VAL G 115 7.97 -32.35 57.40
CA VAL G 115 9.02 -33.17 56.81
C VAL G 115 8.64 -34.64 56.84
N PHE G 116 8.81 -35.31 55.70
CA PHE G 116 8.48 -36.71 55.54
C PHE G 116 9.70 -37.47 55.03
N ILE G 117 9.70 -38.78 55.27
CA ILE G 117 10.77 -39.66 54.81
C ILE G 117 10.14 -40.86 54.14
N PHE G 118 10.87 -41.45 53.18
CA PHE G 118 10.40 -42.62 52.45
C PHE G 118 11.59 -43.52 52.13
N PRO G 119 11.81 -44.58 52.91
CA PRO G 119 12.89 -45.51 52.58
C PRO G 119 12.59 -46.25 51.30
N PRO G 120 13.63 -46.67 50.55
CA PRO G 120 13.45 -47.37 49.27
C PRO G 120 12.73 -48.71 49.42
N SER G 131 17.66 -44.93 46.55
CA SER G 131 17.06 -43.66 46.18
C SER G 131 16.08 -43.18 47.24
N VAL G 132 16.60 -42.92 48.45
CA VAL G 132 15.74 -42.45 49.53
C VAL G 132 15.30 -41.02 49.23
N VAL G 133 14.09 -40.68 49.68
CA VAL G 133 13.48 -39.38 49.40
C VAL G 133 13.01 -38.77 50.72
N CYS G 134 13.42 -37.54 50.98
CA CYS G 134 12.95 -36.75 52.10
C CYS G 134 12.13 -35.59 51.55
N LEU G 135 10.90 -35.45 52.03
CA LEU G 135 9.93 -34.54 51.43
C LEU G 135 9.45 -33.51 52.44
N LEU G 136 9.28 -32.28 51.95
CA LEU G 136 8.66 -31.20 52.69
C LEU G 136 7.41 -30.74 51.94
N ASN G 137 6.40 -30.33 52.70
CA ASN G 137 5.12 -29.98 52.09
C ASN G 137 4.46 -28.87 52.88
N ASN G 138 3.81 -27.95 52.15
CA ASN G 138 2.99 -26.89 52.73
C ASN G 138 3.81 -25.98 53.64
N PHE G 139 4.82 -25.33 53.05
CA PHE G 139 5.59 -24.31 53.73
C PHE G 139 5.68 -23.08 52.84
N TYR G 140 5.56 -21.90 53.44
CA TYR G 140 5.58 -20.68 52.65
C TYR G 140 6.97 -20.27 52.17
N PRO G 141 7.94 -20.03 53.06
CA PRO G 141 9.16 -19.34 52.63
C PRO G 141 10.06 -20.24 51.79
N ARG G 142 10.46 -19.75 50.61
CA ARG G 142 11.33 -20.49 49.72
C ARG G 142 12.79 -20.36 50.18
N GLU G 143 13.05 -20.83 51.40
CA GLU G 143 14.39 -20.85 51.97
C GLU G 143 14.65 -22.15 52.70
N ALA G 144 13.99 -23.23 52.29
CA ALA G 144 14.18 -24.52 52.93
C ALA G 144 15.62 -25.00 52.75
N LYS G 145 16.24 -25.40 53.84
CA LYS G 145 17.62 -25.86 53.85
C LYS G 145 17.64 -27.26 54.44
N VAL G 146 17.98 -28.25 53.61
CA VAL G 146 17.94 -29.65 54.00
C VAL G 146 19.28 -30.29 53.66
N GLN G 147 19.83 -31.04 54.62
CA GLN G 147 21.07 -31.78 54.43
C GLN G 147 20.86 -33.24 54.80
N TRP G 148 21.64 -34.10 54.17
CA TRP G 148 21.55 -35.54 54.42
C TRP G 148 22.47 -35.94 55.57
N GLN G 160 19.76 -33.78 45.27
CA GLN G 160 19.14 -33.03 44.19
C GLN G 160 17.77 -32.51 44.59
N GLU G 161 17.74 -31.36 45.24
CA GLU G 161 16.48 -30.75 45.64
C GLU G 161 15.70 -30.27 44.41
N SER G 162 14.38 -30.24 44.55
CA SER G 162 13.50 -29.84 43.45
C SER G 162 12.28 -29.14 44.03
N VAL G 163 12.29 -27.81 44.01
CA VAL G 163 11.12 -27.05 44.42
C VAL G 163 10.08 -27.06 43.31
N THR G 164 8.85 -26.74 43.68
CA THR G 164 7.75 -26.65 42.73
C THR G 164 7.46 -25.19 42.41
N GLU G 165 6.41 -24.98 41.63
CA GLU G 165 5.89 -23.64 41.42
C GLU G 165 4.84 -23.33 42.48
N GLN G 166 4.61 -22.04 42.70
CA GLN G 166 3.64 -21.62 43.71
C GLN G 166 2.24 -22.11 43.32
N ASP G 167 1.53 -22.66 44.31
CA ASP G 167 0.19 -23.17 44.08
C ASP G 167 -0.79 -22.01 43.93
N SER G 168 -1.79 -22.20 43.06
CA SER G 168 -2.76 -21.13 42.81
C SER G 168 -3.77 -21.00 43.93
N LYS G 169 -3.90 -22.01 44.79
CA LYS G 169 -4.91 -21.96 45.84
C LYS G 169 -4.43 -21.17 47.05
N ASP G 170 -3.33 -21.61 47.68
CA ASP G 170 -2.86 -21.02 48.92
C ASP G 170 -1.47 -20.41 48.80
N SER G 171 -0.91 -20.32 47.59
CA SER G 171 0.43 -19.78 47.33
C SER G 171 1.46 -20.38 48.30
N THR G 172 1.63 -21.70 48.18
CA THR G 172 2.50 -22.44 49.08
C THR G 172 3.51 -23.24 48.25
N TYR G 173 4.63 -23.57 48.87
CA TYR G 173 5.74 -24.25 48.22
C TYR G 173 5.82 -25.70 48.65
N SER G 174 6.71 -26.44 48.00
CA SER G 174 6.99 -27.82 48.35
C SER G 174 8.39 -28.16 47.86
N LEU G 175 8.97 -29.22 48.43
CA LEU G 175 10.35 -29.58 48.14
C LEU G 175 10.51 -31.08 48.18
N SER G 176 11.45 -31.59 47.39
CA SER G 176 11.81 -33.00 47.37
C SER G 176 13.32 -33.13 47.31
N SER G 177 13.86 -34.00 48.16
CA SER G 177 15.30 -34.26 48.20
C SER G 177 15.54 -35.76 48.00
N THR G 178 16.48 -36.08 47.12
CA THR G 178 16.80 -37.47 46.83
C THR G 178 18.23 -37.80 47.24
N CYS G 194 17.38 -37.01 56.93
CA CYS G 194 17.49 -35.64 56.43
C CYS G 194 17.29 -34.61 57.56
N GLU G 195 18.14 -33.59 57.57
CA GLU G 195 18.09 -32.53 58.56
C GLU G 195 17.49 -31.29 57.91
N VAL G 196 16.40 -30.79 58.49
CA VAL G 196 15.65 -29.68 57.91
C VAL G 196 15.60 -28.54 58.91
N THR G 197 15.94 -27.34 58.45
CA THR G 197 15.80 -26.11 59.22
C THR G 197 15.00 -25.11 58.42
N HIS G 198 14.20 -24.30 59.12
CA HIS G 198 13.32 -23.35 58.43
C HIS G 198 12.97 -22.23 59.39
N GLN G 199 12.50 -21.12 58.80
CA GLN G 199 12.06 -19.98 59.60
C GLN G 199 10.71 -20.22 60.26
N GLY G 200 9.90 -21.13 59.71
CA GLY G 200 8.58 -21.37 60.28
C GLY G 200 8.65 -21.98 61.67
N LEU G 201 9.53 -22.98 61.85
CA LEU G 201 9.69 -23.65 63.13
C LEU G 201 11.08 -23.35 63.68
N SER G 202 11.14 -22.88 64.93
CA SER G 202 12.40 -22.47 65.52
C SER G 202 13.35 -23.65 65.68
N SER G 203 12.85 -24.78 66.13
CA SER G 203 13.70 -25.94 66.40
C SER G 203 14.10 -26.61 65.09
N PRO G 204 15.40 -26.75 64.80
CA PRO G 204 15.84 -27.47 63.58
C PRO G 204 15.72 -28.98 63.76
N VAL G 205 14.51 -29.49 63.52
CA VAL G 205 14.23 -30.89 63.77
C VAL G 205 15.01 -31.77 62.79
N THR G 206 15.53 -32.88 63.30
CA THR G 206 16.24 -33.87 62.51
C THR G 206 15.56 -35.22 62.71
N LYS G 207 15.15 -35.85 61.61
CA LYS G 207 14.44 -37.12 61.66
C LYS G 207 15.14 -38.11 60.74
N SER G 208 15.26 -39.36 61.21
CA SER G 208 15.93 -40.40 60.46
C SER G 208 15.15 -41.70 60.59
N PHE G 209 15.40 -42.61 59.66
CA PHE G 209 14.74 -43.91 59.65
C PHE G 209 15.74 -45.04 59.76
#